data_8USD
#
_entry.id   8USD
#
_cell.length_a   1.00
_cell.length_b   1.00
_cell.length_c   1.00
_cell.angle_alpha   90.00
_cell.angle_beta   90.00
_cell.angle_gamma   90.00
#
_symmetry.space_group_name_H-M   'P 1'
#
loop_
_entity.id
_entity.type
_entity.pdbx_description
1 polymer '26S proteasome non-ATPase regulatory subunit 2'
2 polymer 'NEDD8 ultimate buster 1'
3 polymer '26S proteasome regulatory subunit 7'
4 polymer '26S proteasome non-ATPase regulatory subunit 1'
5 polymer '26S proteasome regulatory subunit 4'
#
loop_
_entity_poly.entity_id
_entity_poly.type
_entity_poly.pdbx_seq_one_letter_code
_entity_poly.pdbx_strand_id
1 'polypeptide(L)'
;MEEGGRDKAPVQPQQSPAAAPGGTDEKPSGKERRDAGDKDKEQELSEEDKQLQDELEMLVERLGEKDTSLYRPALEELRR
QIRSSTTSMTSVPKPLKFLRPHYGKLKEIYENMAPGENKRFAADIISVLAMTMSGERECLKYRLVGSQEELASWGHEYVR
HLAGEVAKEWQELDDAEKVQREPLLTLVKEIVPYNMAHNAEHEACDLLMEIEQVDMLEKDIDENAYAKVCLYLTSCVNYV
PEPENSALLRCALGVFRKFSRFPEALRLALMLNDMELVEDIFTSCKDVVVQKQMAFMLGRHGVFLELSEDVEEYEDLTEI
MSNVQLNSNFLALARELDIMEPKVPDDIYKTHLENNRFGGSGSQVDSARMNLASSFVNGFVNAAFGQDKLLTDDGNKWLY
KNKDHGMLSAAASLGMILLWDVDGGLTQIDKYLYSSEDYIKSGALLACGIVNSGVRNECDPALALLSDYVLHNSNTMRLG
SIFGLGLAYAGSNREDVLTLLLPVMGDSKSSMEVAGVTALACGMIAVGSCNGDVTSTILQTIMEKSETELKDTYARWLPL
GLGLNHLGKGEAIEAILAALEVVSEPFRSFANTLVDVCAYAGSGNVLKVQQLLHICSEHFDSKEKEEDKDKKEKKDKDKK
EAPADMGAHQGVAVLGIALIAMGEEIGAEMALRTFGHLLRYGEPTLRRAVPLALALISVSNPRLNILDTLSKFSHDADPE
VSYNSIFAMGMVGSGTNNARLAAMLRQLAQYHAKDPNNLFMVRLAQGLTHLGKGTLTLCPYHSDRQLMSQVAVAGLLTVL
VSFLDVRNIILGKSHYVLYGLVAAMQPRMLVTFDEELRPLPVSVRVGQAVDVVGQAGKPKTITGFQTHTTPVLLAHGERA
ELATEEFLPVTPILEGFVILRKNPNYDL
;
f
2 'polypeptide(L)'
;MAQNKYLQAKLTQFLREDRIQLWKPPYTDENKKVGLALKDLAKQYSDRLECCENEVEKVIEEIRCKAIERGTGNDNYRTT
GIATIEVFLPPRLKKDRKNLLETRLHITGRELRSKIAETFGLQENYIKIVINKKQLQLGKTLEEQGVAHNVKAMVLELKQ
SEEDARKNFQLEEEEQNEAKLKEKQIQRTKRGLEILAKRAAETVVDPEMTPYLDIANQTGRSIRIPPSERKALMLAMGYH
EKGRAFLKRKEYGI
;
g
3 'polypeptide(L)'
;MPDYLGADQRKTKEDEKDDKPIRALDEGDIALLKTYGQSTYSRQIKQVEDDIQQLLKKINELTGIKESDTGLAPPALWDL
AADKQTLQSEQPLQVARCTKIINADSEDPKYIINVKQFAKFVVDLSDQVAPTDIEEGMRVGVDRNKYQIHIPLPPKIDPT
VTMMQVEEKPDVTYSDVGGCKEQIEKLREVVETPLLHPERFVNLGIEPPKGVLLFGPPGTGKTLCARAVANRTDACFIRV
IGSELVQKYVGEGARMVRELFEMARTKKACLIFFDEIDAIGGARFDDGAGGDNEVQRTMLELINQLDGFDPRGNIKVLMA
TNRPDTLDPALMRPGRLDRKIEFSLPDLEGRTHIFKIHARSMSVERDIRFELLARLCPNSTGAEIRSVCTEAGMFAIRAR
RKIATEKDFLEAVNKVIKSYAKFSATPRYMTYN
;
A
4 'polypeptide(L)'
;MITSAAGIISLLDEDEPQLKEFALHKLNAVVNDFWAEISESVDKIEVLYEDEGFRSRQFAALVASKVFYHLGAFEESLNY
ALGAGDLFNVNDNSEYVETIIAKCIDHYTKQCVENADLPEGEKKPIDQRLEGIVNKMFQRCLDDHKYKQAIGIALETRRL
DVFEKTILESNDVPGMLAYSLKLCMSLMQNKQFRNKVLRVLVKIYMNLEKPDFINVCQCLIFLDDPQAVSDILEKLVKED
NLLMAYQICFDLYESASQQFLSSVIQNLRTVGTPIASVPGSTNTGTVPGSEKDSDSMETEEKTSSAFVGKTPEASPEPKD
QTLKMIKILSGEMAIELHLQFLIRNNNTDLMILKNTKDAVRNSVCHTATVIANSFMHCGTTSDQFLRDNLEWLARATNWA
KFTATASLGVIHKGHEKEALQLMATYLPKDTSPGSAYQEGGGLYALGLIHANHGGDIIDYLLNQLKNASNDIVRHGGSLG
LGLAAMGTARQDVYDLLKTNLYQDDAVTGEAAGLALGLVMLGSKNAQAIEDMVGYAQETQHEKILRGLAVGIALVMYGRM
EEADALIESLCRDKDPILRRSGMYTVAMAYCGSGNNKAIRRLLHVAVSDVNDDVRRAAVESLGFILFRTPEQCPSVVSLL
SESYNPHVRYGAAMALGICCAGTGNKEAINLLEPMTNDPVNYVRQGALIASALIMIQQTEITCPKVNQFRQLYSKVINDK
HDDVMAKFGAILAQGILDAGGHNVTISLQSRTGHTHMPSVVGVLVFTQFWFWFPLSHFLSLAYTPTCVIGLNKDLKMPKV
QYKSNCKPSTFAYPAPLEVPKEKEKEKVSTAVLSITAKAKKKEKEKEKKEEEKMEVDEAEKKEEKEKKKEPEPNFQLLDN
PARVMPAQLKVLTMPETCRYQPFKPLSIGGIIILKDTSEDIEELVEPVAAHGPKIEEEEQEPEPPEPFEYIDD
;
U
5 'polypeptide(L)'
;MGQSQSGGHGPGGGKKDDKDKKKKYEPPVPTRVGKKKKKTKGPDAASKLPLVTPHTQCRLKLLKLERIKDYLLMEEEFIR
NQEQMKPLEEKQEEERSKVDDLRGTPMSVGTLEEIIDDNHAIVSTSVGSEHYVSILSFVDKDLLEPGCSVLLNHKVHAVI
GVLMDDTDPLVTVMKVEKAPQETYADIGGLDNQIQEIKESVELPLTHPEYYEEMGIKPPKGVILYGPPGTGKTLLAKAVA
NQTSATFLRVVGSELIQKYLGDGPKLVRELFRVAEEHAPSIVFIDEIDAIGTKRYDSNSGGEREIQRTMLELLNQLDGFD
SRGDVKVIMATNRIETLDPALIRPGRIDRKIEFPLPDEKTKKRIFQIHTSRMTLADDVTLDDLIMAKDDLSGADIKAICT
EAGLMALRERRMKVTNEDFKKSKENVLYKKQEGTPEGLYL
;
B
#
# COMPACT_ATOMS: atom_id res chain seq x y z
N GLY A 155 46.99 20.51 2.17
CA GLY A 155 46.26 20.51 3.42
C GLY A 155 44.79 20.16 3.26
N HIS A 156 44.34 19.15 4.02
CA HIS A 156 42.95 18.73 3.94
C HIS A 156 42.00 19.84 4.39
N GLU A 157 42.34 20.53 5.48
CA GLU A 157 41.49 21.63 5.94
C GLU A 157 41.45 22.77 4.94
N TYR A 158 42.58 23.10 4.32
CA TYR A 158 42.61 24.19 3.35
C TYR A 158 41.73 23.88 2.14
N VAL A 159 41.82 22.65 1.61
CA VAL A 159 41.03 22.31 0.45
C VAL A 159 39.55 22.17 0.82
N ARG A 160 39.26 21.72 2.04
CA ARG A 160 37.87 21.71 2.50
C ARG A 160 37.29 23.12 2.54
N HIS A 161 38.06 24.07 3.09
CA HIS A 161 37.60 25.46 3.14
C HIS A 161 37.47 26.03 1.72
N LEU A 162 38.39 25.67 0.83
CA LEU A 162 38.31 26.13 -0.55
C LEU A 162 37.06 25.61 -1.24
N ALA A 163 36.73 24.33 -1.02
CA ALA A 163 35.50 23.78 -1.60
C ALA A 163 34.26 24.46 -1.03
N GLY A 164 34.26 24.72 0.28
CA GLY A 164 33.15 25.45 0.87
C GLY A 164 32.99 26.84 0.29
N GLU A 165 34.11 27.55 0.12
CA GLU A 165 34.05 28.89 -0.45
C GLU A 165 33.58 28.85 -1.91
N VAL A 166 34.02 27.84 -2.67
CA VAL A 166 33.59 27.70 -4.05
C VAL A 166 32.09 27.46 -4.11
N ALA A 167 31.58 26.59 -3.24
CA ALA A 167 30.15 26.36 -3.18
C ALA A 167 29.40 27.63 -2.80
N LYS A 168 29.95 28.42 -1.87
CA LYS A 168 29.32 29.67 -1.49
C LYS A 168 29.25 30.64 -2.66
N GLU A 169 30.35 30.79 -3.41
CA GLU A 169 30.39 31.79 -4.47
C GLU A 169 29.68 31.33 -5.74
N TRP A 170 29.46 30.02 -5.91
CA TRP A 170 28.72 29.56 -7.09
C TRP A 170 27.29 30.09 -7.08
N GLN A 171 26.63 30.07 -5.92
CA GLN A 171 25.28 30.62 -5.83
C GLN A 171 25.28 32.13 -6.06
N GLU A 172 26.35 32.81 -5.68
CA GLU A 172 26.45 34.26 -5.89
C GLU A 172 26.61 34.57 -7.37
N GLU A 182 35.32 29.30 -15.06
CA GLU A 182 36.11 28.30 -15.78
C GLU A 182 37.04 27.49 -14.85
N PRO A 183 37.87 28.15 -14.03
CA PRO A 183 38.73 27.37 -13.12
C PRO A 183 37.95 26.60 -12.06
N LEU A 184 36.71 26.99 -11.79
CA LEU A 184 35.91 26.30 -10.78
C LEU A 184 35.67 24.85 -11.17
N LEU A 185 35.45 24.59 -12.47
CA LEU A 185 35.29 23.21 -12.93
C LEU A 185 36.55 22.40 -12.69
N THR A 186 37.72 22.97 -12.96
CA THR A 186 38.97 22.27 -12.67
C THR A 186 39.13 22.01 -11.18
N LEU A 187 38.79 23.00 -10.35
CA LEU A 187 38.89 22.81 -8.91
C LEU A 187 38.00 21.67 -8.42
N VAL A 188 36.76 21.62 -8.91
CA VAL A 188 35.88 20.53 -8.46
C VAL A 188 36.33 19.19 -9.04
N LYS A 189 36.78 19.16 -10.30
CA LYS A 189 37.26 17.93 -10.92
C LYS A 189 38.54 17.42 -10.28
N GLU A 190 39.25 18.26 -9.53
CA GLU A 190 40.38 17.80 -8.72
C GLU A 190 40.00 17.46 -7.30
N ILE A 191 39.07 18.20 -6.70
CA ILE A 191 38.70 17.97 -5.30
C ILE A 191 37.91 16.67 -5.17
N VAL A 192 36.98 16.41 -6.09
CA VAL A 192 36.13 15.21 -5.97
C VAL A 192 36.95 13.93 -5.96
N PRO A 193 37.91 13.71 -6.88
CA PRO A 193 38.72 12.48 -6.79
C PRO A 193 39.50 12.39 -5.50
N TYR A 194 39.93 13.52 -4.93
CA TYR A 194 40.60 13.48 -3.64
C TYR A 194 39.66 12.92 -2.57
N ASN A 195 38.43 13.44 -2.50
CA ASN A 195 37.48 12.96 -1.51
C ASN A 195 37.14 11.49 -1.75
N MET A 196 37.12 11.06 -3.00
CA MET A 196 37.01 9.63 -3.27
C MET A 196 38.20 8.87 -2.69
N ALA A 197 39.40 9.43 -2.82
CA ALA A 197 40.60 8.74 -2.35
C ALA A 197 40.64 8.65 -0.83
N HIS A 198 40.40 9.77 -0.14
CA HIS A 198 40.50 9.80 1.31
C HIS A 198 39.19 9.41 1.99
N ASN A 199 38.32 8.70 1.30
CA ASN A 199 37.13 8.07 1.87
C ASN A 199 36.13 9.08 2.42
N ALA A 200 36.26 10.35 2.03
CA ALA A 200 35.30 11.39 2.44
C ALA A 200 34.30 11.64 1.32
N GLU A 201 33.50 10.60 1.03
CA GLU A 201 32.59 10.65 -0.12
C GLU A 201 31.49 11.69 0.07
N HIS A 202 30.93 11.79 1.29
CA HIS A 202 29.78 12.65 1.50
C HIS A 202 30.13 14.12 1.30
N GLU A 203 31.35 14.53 1.62
CA GLU A 203 31.75 15.91 1.36
C GLU A 203 31.76 16.20 -0.14
N ALA A 204 32.29 15.26 -0.93
CA ALA A 204 32.24 15.42 -2.38
C ALA A 204 30.80 15.50 -2.87
N CYS A 205 29.93 14.63 -2.34
CA CYS A 205 28.52 14.68 -2.73
C CYS A 205 27.91 16.03 -2.41
N ASP A 206 28.20 16.58 -1.22
CA ASP A 206 27.71 17.90 -0.86
C ASP A 206 28.24 18.97 -1.81
N LEU A 207 29.47 18.82 -2.28
CA LEU A 207 30.02 19.82 -3.20
C LEU A 207 29.18 19.89 -4.47
N LEU A 208 28.98 18.76 -5.15
CA LEU A 208 28.18 18.76 -6.36
C LEU A 208 26.72 19.11 -6.07
N MET A 209 26.23 18.80 -4.88
CA MET A 209 24.87 19.18 -4.51
C MET A 209 24.74 20.70 -4.43
N GLU A 210 25.73 21.36 -3.85
CA GLU A 210 25.68 22.81 -3.72
C GLU A 210 25.84 23.49 -5.08
N ILE A 211 26.86 23.11 -5.85
CA ILE A 211 27.12 23.82 -7.09
C ILE A 211 26.29 23.29 -8.25
N GLU A 212 25.44 22.28 -8.01
CA GLU A 212 24.50 21.73 -8.98
C GLU A 212 25.26 21.28 -10.24
N GLN A 213 26.17 20.32 -10.02
CA GLN A 213 26.84 19.61 -11.10
C GLN A 213 26.97 18.13 -10.74
N VAL A 214 25.90 17.53 -10.25
CA VAL A 214 25.94 16.12 -9.85
C VAL A 214 26.08 15.23 -11.09
N ASP A 215 26.11 15.84 -12.27
CA ASP A 215 26.18 15.07 -13.51
C ASP A 215 27.53 14.38 -13.67
N MET A 216 28.63 15.12 -13.49
CA MET A 216 29.93 14.49 -13.70
C MET A 216 30.46 13.80 -12.46
N LEU A 217 29.71 13.83 -11.36
CA LEU A 217 30.08 13.03 -10.19
C LEU A 217 30.11 11.54 -10.54
N GLU A 218 29.24 11.13 -11.46
CA GLU A 218 29.16 9.72 -11.83
C GLU A 218 30.46 9.22 -12.47
N LYS A 219 31.09 10.06 -13.29
CA LYS A 219 32.27 9.63 -14.03
C LYS A 219 33.44 9.27 -13.12
N ASP A 220 33.50 9.87 -11.92
CA ASP A 220 34.62 9.71 -11.01
C ASP A 220 34.30 8.79 -9.85
N ILE A 221 33.53 7.72 -10.08
CA ILE A 221 33.18 6.76 -9.04
C ILE A 221 33.89 5.45 -9.32
N ASP A 222 34.51 4.88 -8.28
CA ASP A 222 35.18 3.60 -8.37
C ASP A 222 34.30 2.50 -7.78
N GLU A 223 34.72 1.26 -8.02
CA GLU A 223 33.92 0.11 -7.57
C GLU A 223 33.83 0.03 -6.06
N ASN A 224 34.82 0.56 -5.35
CA ASN A 224 34.89 0.41 -3.90
C ASN A 224 34.10 1.47 -3.15
N ALA A 225 33.46 2.42 -3.83
CA ALA A 225 32.75 3.49 -3.12
C ALA A 225 31.39 3.83 -3.73
N TYR A 226 30.90 3.06 -4.71
CA TYR A 226 29.62 3.38 -5.32
C TYR A 226 28.48 3.25 -4.31
N ALA A 227 28.57 2.26 -3.43
CA ALA A 227 27.49 2.02 -2.47
C ALA A 227 27.31 3.22 -1.53
N LYS A 228 28.41 3.77 -1.02
CA LYS A 228 28.32 4.86 -0.06
C LYS A 228 27.74 6.12 -0.71
N VAL A 229 28.24 6.49 -1.89
CA VAL A 229 27.74 7.68 -2.56
C VAL A 229 26.28 7.50 -2.96
N CYS A 230 25.93 6.31 -3.45
CA CYS A 230 24.52 6.06 -3.81
C CYS A 230 23.62 6.17 -2.60
N LEU A 231 24.00 5.56 -1.48
CA LEU A 231 23.16 5.57 -0.30
C LEU A 231 23.02 6.99 0.23
N TYR A 232 24.12 7.75 0.23
CA TYR A 232 24.06 9.14 0.69
C TYR A 232 23.16 9.98 -0.21
N LEU A 233 23.27 9.82 -1.53
CA LEU A 233 22.43 10.59 -2.44
C LEU A 233 20.96 10.23 -2.28
N THR A 234 20.66 8.94 -2.14
CA THR A 234 19.27 8.53 -1.99
C THR A 234 18.69 9.01 -0.66
N SER A 235 19.47 8.96 0.41
CA SER A 235 18.98 9.37 1.72
C SER A 235 18.69 10.86 1.79
N CYS A 236 19.31 11.67 0.92
CA CYS A 236 19.08 13.10 0.90
C CYS A 236 17.82 13.49 0.13
N VAL A 237 17.24 12.57 -0.62
CA VAL A 237 16.12 12.90 -1.49
C VAL A 237 14.87 13.22 -0.67
N ASN A 238 14.66 12.49 0.43
CA ASN A 238 13.46 12.68 1.23
C ASN A 238 13.37 14.06 1.86
N TYR A 239 14.49 14.79 1.94
CA TYR A 239 14.53 16.07 2.62
C TYR A 239 14.80 17.25 1.71
N VAL A 240 14.94 17.04 0.40
CA VAL A 240 15.16 18.12 -0.55
C VAL A 240 13.92 18.24 -1.42
N PRO A 241 13.52 19.43 -1.86
CA PRO A 241 12.33 19.53 -2.71
C PRO A 241 12.64 19.45 -4.20
N GLU A 242 11.60 19.50 -5.02
CA GLU A 242 11.75 19.50 -6.46
C GLU A 242 12.45 20.79 -6.91
N PRO A 243 13.19 20.75 -8.03
CA PRO A 243 13.42 19.62 -8.94
C PRO A 243 14.63 18.77 -8.55
N GLU A 244 15.21 19.01 -7.37
CA GLU A 244 16.41 18.26 -6.98
C GLU A 244 16.11 16.80 -6.70
N ASN A 245 14.87 16.44 -6.38
CA ASN A 245 14.52 15.04 -6.19
C ASN A 245 14.78 14.24 -7.46
N SER A 246 14.26 14.71 -8.59
CA SER A 246 14.45 13.99 -9.84
C SER A 246 15.92 13.94 -10.24
N ALA A 247 16.63 15.05 -10.08
CA ALA A 247 18.05 15.07 -10.45
C ALA A 247 18.85 14.09 -9.60
N LEU A 248 18.62 14.09 -8.28
CA LEU A 248 19.33 13.18 -7.41
C LEU A 248 19.02 11.73 -7.73
N LEU A 249 17.73 11.40 -7.94
CA LEU A 249 17.36 10.04 -8.28
C LEU A 249 18.00 9.60 -9.59
N ARG A 250 17.98 10.47 -10.60
CA ARG A 250 18.54 10.09 -11.89
C ARG A 250 20.05 9.95 -11.83
N CYS A 251 20.72 10.80 -11.06
CA CYS A 251 22.17 10.67 -10.93
C CYS A 251 22.56 9.39 -10.20
N ALA A 252 21.88 9.08 -9.09
CA ALA A 252 22.17 7.84 -8.37
C ALA A 252 21.84 6.63 -9.23
N LEU A 253 20.73 6.69 -9.97
CA LEU A 253 20.36 5.60 -10.87
C LEU A 253 21.39 5.41 -11.97
N GLY A 254 21.90 6.50 -12.54
CA GLY A 254 22.95 6.38 -13.54
C GLY A 254 24.22 5.79 -12.98
N VAL A 255 24.58 6.17 -11.75
CA VAL A 255 25.75 5.59 -11.12
C VAL A 255 25.56 4.09 -10.92
N PHE A 256 24.38 3.69 -10.45
CA PHE A 256 24.09 2.27 -10.27
C PHE A 256 24.14 1.52 -11.60
N ARG A 257 23.56 2.10 -12.65
CA ARG A 257 23.51 1.45 -13.95
C ARG A 257 24.90 1.30 -14.55
N LYS A 258 25.75 2.31 -14.38
CA LYS A 258 27.12 2.22 -14.86
C LYS A 258 27.86 1.05 -14.23
N PHE A 259 27.51 0.71 -12.99
CA PHE A 259 28.15 -0.37 -12.26
C PHE A 259 27.39 -1.70 -12.38
N SER A 260 26.40 -1.76 -13.27
CA SER A 260 25.64 -2.98 -13.55
C SER A 260 24.92 -3.50 -12.31
N ARG A 261 24.50 -2.60 -11.43
CA ARG A 261 23.72 -2.97 -10.25
C ARG A 261 22.23 -2.75 -10.55
N PHE A 262 21.71 -3.67 -11.35
CA PHE A 262 20.36 -3.50 -11.91
C PHE A 262 19.25 -3.46 -10.88
N PRO A 263 19.20 -4.33 -9.87
CA PRO A 263 18.06 -4.27 -8.92
C PRO A 263 17.95 -2.95 -8.18
N GLU A 264 19.06 -2.42 -7.67
CA GLU A 264 19.00 -1.14 -6.96
C GLU A 264 18.78 0.03 -7.89
N ALA A 265 19.10 -0.12 -9.18
CA ALA A 265 18.74 0.90 -10.16
C ALA A 265 17.24 0.86 -10.45
N LEU A 266 16.67 -0.34 -10.53
CA LEU A 266 15.22 -0.46 -10.70
C LEU A 266 14.47 0.08 -9.50
N ARG A 267 15.05 -0.07 -8.29
CA ARG A 267 14.44 0.53 -7.12
C ARG A 267 14.33 2.05 -7.27
N LEU A 268 15.41 2.69 -7.73
CA LEU A 268 15.37 4.14 -7.92
C LEU A 268 14.45 4.53 -9.06
N ALA A 269 14.38 3.70 -10.11
CA ALA A 269 13.44 3.97 -11.20
C ALA A 269 12.01 3.91 -10.72
N LEU A 270 11.69 2.93 -9.88
CA LEU A 270 10.36 2.84 -9.28
C LEU A 270 10.08 4.04 -8.39
N MET A 271 11.10 4.50 -7.66
CA MET A 271 10.96 5.74 -6.89
C MET A 271 10.62 6.90 -7.81
N LEU A 272 11.29 6.99 -8.96
CA LEU A 272 11.03 8.05 -9.94
C LEU A 272 9.65 7.90 -10.57
N ASN A 273 9.04 6.72 -10.49
CA ASN A 273 7.77 6.43 -11.15
C ASN A 273 7.86 6.67 -12.65
N ASP A 274 9.01 6.33 -13.23
CA ASP A 274 9.25 6.47 -14.67
C ASP A 274 9.06 5.10 -15.30
N MET A 275 7.91 4.90 -15.95
CA MET A 275 7.60 3.60 -16.52
C MET A 275 8.57 3.24 -17.65
N GLU A 276 8.87 4.22 -18.51
CA GLU A 276 9.80 3.96 -19.61
C GLU A 276 11.19 3.61 -19.08
N LEU A 277 11.65 4.33 -18.06
CA LEU A 277 12.95 4.03 -17.47
C LEU A 277 12.96 2.64 -16.83
N VAL A 278 11.86 2.27 -16.17
CA VAL A 278 11.76 0.94 -15.58
C VAL A 278 11.85 -0.13 -16.65
N GLU A 279 11.12 0.06 -17.76
CA GLU A 279 11.17 -0.93 -18.84
C GLU A 279 12.56 -1.00 -19.45
N ASP A 280 13.21 0.15 -19.63
CA ASP A 280 14.55 0.16 -20.18
C ASP A 280 15.54 -0.57 -19.27
N ILE A 281 15.43 -0.34 -17.95
CA ILE A 281 16.31 -1.03 -17.02
C ILE A 281 16.05 -2.53 -17.05
N PHE A 282 14.78 -2.93 -17.09
CA PHE A 282 14.45 -4.36 -17.12
C PHE A 282 14.98 -5.02 -18.38
N THR A 283 14.83 -4.37 -19.53
CA THR A 283 15.26 -4.94 -20.79
C THR A 283 16.77 -4.95 -20.95
N SER A 284 17.46 -3.92 -20.47
CA SER A 284 18.90 -3.79 -20.69
C SER A 284 19.67 -4.93 -20.05
N CYS A 285 19.25 -5.38 -18.87
CA CYS A 285 19.97 -6.43 -18.17
C CYS A 285 19.95 -7.72 -18.98
N LYS A 286 21.11 -8.40 -19.00
CA LYS A 286 21.25 -9.65 -19.74
C LYS A 286 21.14 -10.88 -18.85
N ASP A 287 21.32 -10.75 -17.54
CA ASP A 287 21.26 -11.88 -16.63
C ASP A 287 19.80 -12.23 -16.38
N VAL A 288 19.42 -13.46 -16.72
CA VAL A 288 18.03 -13.88 -16.58
C VAL A 288 17.65 -13.94 -15.10
N VAL A 289 18.59 -14.35 -14.24
CA VAL A 289 18.30 -14.44 -12.81
C VAL A 289 18.08 -13.05 -12.22
N VAL A 290 18.89 -12.07 -12.64
CA VAL A 290 18.71 -10.70 -12.18
C VAL A 290 17.35 -10.17 -12.65
N GLN A 291 16.96 -10.50 -13.88
CA GLN A 291 15.64 -10.11 -14.36
C GLN A 291 14.54 -10.79 -13.55
N LYS A 292 14.76 -12.04 -13.13
CA LYS A 292 13.79 -12.72 -12.27
C LYS A 292 13.62 -11.98 -10.95
N GLN A 293 14.74 -11.60 -10.32
CA GLN A 293 14.64 -10.88 -9.05
C GLN A 293 13.98 -9.52 -9.24
N MET A 294 14.33 -8.81 -10.31
CA MET A 294 13.72 -7.52 -10.58
C MET A 294 12.22 -7.65 -10.86
N ALA A 295 11.81 -8.73 -11.54
CA ALA A 295 10.40 -9.01 -11.72
C ALA A 295 9.72 -9.28 -10.38
N PHE A 296 10.42 -9.94 -9.45
CA PHE A 296 9.87 -10.11 -8.11
C PHE A 296 9.63 -8.77 -7.43
N MET A 297 10.60 -7.85 -7.53
CA MET A 297 10.40 -6.53 -6.93
C MET A 297 9.26 -5.79 -7.61
N LEU A 298 9.15 -5.89 -8.93
CA LEU A 298 8.05 -5.24 -9.63
C LEU A 298 6.70 -5.81 -9.20
N GLY A 299 6.61 -7.13 -9.06
CA GLY A 299 5.37 -7.74 -8.61
C GLY A 299 5.00 -7.32 -7.20
N ARG A 300 6.00 -7.21 -6.32
CA ARG A 300 5.72 -6.72 -4.97
C ARG A 300 5.25 -5.27 -5.00
N HIS A 301 5.86 -4.45 -5.86
CA HIS A 301 5.48 -3.04 -5.96
C HIS A 301 4.17 -2.83 -6.70
N GLY A 302 3.63 -3.85 -7.35
CA GLY A 302 2.42 -3.69 -8.13
C GLY A 302 2.62 -3.16 -9.53
N VAL A 303 3.86 -3.07 -9.99
CA VAL A 303 4.18 -2.57 -11.33
C VAL A 303 4.31 -3.76 -12.26
N PHE A 304 3.64 -3.68 -13.42
CA PHE A 304 3.65 -4.75 -14.40
C PHE A 304 4.14 -4.22 -15.73
N LEU A 305 5.06 -4.95 -16.35
CA LEU A 305 5.60 -4.62 -17.67
C LEU A 305 5.04 -5.57 -18.70
N GLU A 306 4.57 -5.03 -19.82
CA GLU A 306 4.15 -5.85 -20.95
C GLU A 306 5.39 -6.17 -21.79
N LEU A 307 6.06 -7.26 -21.42
CA LEU A 307 7.25 -7.69 -22.14
C LEU A 307 6.88 -8.17 -23.54
N SER A 308 7.87 -8.22 -24.41
CA SER A 308 7.68 -8.67 -25.78
C SER A 308 8.11 -10.12 -25.92
N GLU A 309 7.51 -10.81 -26.89
CA GLU A 309 7.67 -12.27 -27.00
C GLU A 309 9.10 -12.69 -27.28
N ASP A 310 9.86 -11.90 -28.04
CA ASP A 310 11.24 -12.29 -28.36
C ASP A 310 12.14 -12.28 -27.14
N VAL A 311 11.71 -11.65 -26.04
CA VAL A 311 12.50 -11.66 -24.81
C VAL A 311 12.59 -13.08 -24.28
N GLU A 312 13.80 -13.52 -23.96
CA GLU A 312 14.01 -14.87 -23.45
C GLU A 312 13.34 -15.04 -22.10
N GLU A 313 12.78 -16.22 -21.88
CA GLU A 313 12.12 -16.58 -20.62
C GLU A 313 10.97 -15.62 -20.33
N TYR A 314 10.12 -15.42 -21.35
CA TYR A 314 8.95 -14.55 -21.20
C TYR A 314 7.98 -15.11 -20.17
N GLU A 315 7.70 -16.41 -20.24
CA GLU A 315 6.65 -16.99 -19.42
C GLU A 315 6.97 -16.87 -17.94
N ASP A 316 8.18 -17.26 -17.53
CA ASP A 316 8.55 -17.18 -16.13
C ASP A 316 8.60 -15.75 -15.62
N LEU A 317 9.14 -14.83 -16.43
CA LEU A 317 9.20 -13.43 -16.02
C LEU A 317 7.80 -12.85 -15.82
N THR A 318 6.89 -13.12 -16.75
CA THR A 318 5.53 -12.62 -16.62
C THR A 318 4.81 -13.26 -15.44
N GLU A 319 5.05 -14.56 -15.21
CA GLU A 319 4.45 -15.22 -14.06
C GLU A 319 4.95 -14.61 -12.75
N ILE A 320 6.24 -14.30 -12.68
CA ILE A 320 6.78 -13.69 -11.47
C ILE A 320 6.20 -12.30 -11.26
N MET A 321 6.11 -11.50 -12.34
CA MET A 321 5.56 -10.16 -12.21
C MET A 321 4.07 -10.17 -11.88
N SER A 322 3.34 -11.19 -12.32
CA SER A 322 1.91 -11.24 -12.12
C SER A 322 1.52 -11.84 -10.77
N ASN A 323 2.49 -12.31 -9.97
CA ASN A 323 2.25 -12.83 -8.64
C ASN A 323 1.30 -14.02 -8.64
N VAL A 324 1.29 -14.80 -9.72
CA VAL A 324 0.43 -15.98 -9.77
C VAL A 324 0.96 -17.08 -8.87
N GLN A 325 2.22 -17.01 -8.46
CA GLN A 325 2.80 -17.98 -7.55
C GLN A 325 2.84 -17.49 -6.11
N LEU A 326 2.23 -16.34 -5.83
CA LEU A 326 2.26 -15.79 -4.48
C LEU A 326 1.50 -16.68 -3.50
N ASN A 327 0.34 -17.21 -3.92
CA ASN A 327 -0.47 -18.01 -3.01
C ASN A 327 0.25 -19.29 -2.62
N SER A 328 0.88 -19.96 -3.59
CA SER A 328 1.60 -21.20 -3.30
C SER A 328 2.76 -20.95 -2.35
N ASN A 329 3.50 -19.86 -2.55
CA ASN A 329 4.62 -19.54 -1.68
C ASN A 329 4.14 -19.18 -0.27
N PHE A 330 3.04 -18.45 -0.17
CA PHE A 330 2.49 -18.13 1.14
C PHE A 330 2.03 -19.38 1.88
N LEU A 331 1.38 -20.30 1.16
CA LEU A 331 1.00 -21.56 1.78
C LEU A 331 2.21 -22.39 2.16
N ALA A 332 3.28 -22.32 1.37
CA ALA A 332 4.52 -23.00 1.74
C ALA A 332 5.09 -22.44 3.03
N LEU A 333 5.05 -21.11 3.20
CA LEU A 333 5.40 -20.52 4.49
C LEU A 333 4.53 -21.09 5.59
N ALA A 334 3.21 -21.05 5.40
CA ALA A 334 2.31 -21.43 6.49
C ALA A 334 2.52 -22.87 6.90
N ARG A 335 2.76 -23.76 5.93
CA ARG A 335 3.13 -25.13 6.26
C ARG A 335 4.48 -25.18 6.97
N GLU A 336 5.43 -24.34 6.54
CA GLU A 336 6.75 -24.31 7.17
C GLU A 336 6.66 -23.87 8.62
N LEU A 337 5.85 -22.85 8.90
CA LEU A 337 5.65 -22.36 10.25
C LEU A 337 4.50 -23.03 10.97
N ASP A 338 4.02 -24.17 10.43
CA ASP A 338 2.95 -25.01 11.01
C ASP A 338 1.76 -24.19 11.53
N ILE A 339 1.50 -23.05 10.88
CA ILE A 339 0.37 -22.20 11.25
C ILE A 339 -0.81 -22.41 10.30
N MET A 340 -0.86 -23.55 9.61
CA MET A 340 -2.00 -23.85 8.74
C MET A 340 -3.30 -24.03 9.50
N GLU A 341 -3.25 -24.22 10.81
CA GLU A 341 -4.46 -24.48 11.57
C GLU A 341 -5.34 -23.23 11.60
N PRO A 342 -6.61 -23.33 11.21
CA PRO A 342 -7.49 -22.15 11.23
C PRO A 342 -7.75 -21.70 12.65
N LYS A 343 -8.03 -20.40 12.78
CA LYS A 343 -8.30 -19.78 14.08
C LYS A 343 -9.72 -19.26 14.09
N VAL A 344 -10.51 -19.71 15.07
CA VAL A 344 -11.87 -19.24 15.28
C VAL A 344 -11.78 -17.88 15.97
N PRO A 345 -12.71 -16.96 15.73
CA PRO A 345 -12.67 -15.68 16.46
C PRO A 345 -12.71 -15.84 17.97
N ASP A 346 -13.26 -16.95 18.47
CA ASP A 346 -13.24 -17.18 19.92
C ASP A 346 -11.82 -17.36 20.45
N ASP A 347 -10.91 -17.85 19.62
CA ASP A 347 -9.51 -17.94 20.05
C ASP A 347 -8.89 -16.57 20.21
N ILE A 348 -9.35 -15.58 19.44
CA ILE A 348 -8.85 -14.23 19.59
C ILE A 348 -9.52 -13.54 20.78
N TYR A 349 -10.84 -13.74 20.93
CA TYR A 349 -11.58 -13.07 22.00
C TYR A 349 -11.12 -13.55 23.37
N LYS A 350 -10.93 -14.86 23.53
CA LYS A 350 -10.56 -15.46 24.81
C LYS A 350 -11.54 -15.06 25.91
N THR A 351 -12.83 -15.14 25.59
CA THR A 351 -13.88 -14.69 26.51
C THR A 351 -13.95 -15.54 27.78
N HIS A 352 -13.42 -16.77 27.76
CA HIS A 352 -13.43 -17.58 28.96
C HIS A 352 -12.57 -16.99 30.06
N LEU A 353 -11.61 -16.13 29.71
CA LEU A 353 -10.78 -15.43 30.68
C LEU A 353 -11.42 -14.15 31.18
N GLU A 354 -12.60 -13.80 30.68
CA GLU A 354 -13.28 -12.58 31.10
C GLU A 354 -14.00 -12.84 32.42
N ASN A 355 -13.69 -12.01 33.43
CA ASN A 355 -14.30 -12.15 34.74
C ASN A 355 -15.66 -11.46 34.77
N SER A 367 -27.31 -10.64 18.85
CA SER A 367 -27.04 -9.37 18.21
C SER A 367 -26.35 -9.56 16.86
N ALA A 368 -26.81 -8.81 15.85
CA ALA A 368 -26.21 -8.91 14.53
C ALA A 368 -24.85 -8.22 14.49
N ARG A 369 -24.65 -7.17 15.30
CA ARG A 369 -23.39 -6.44 15.27
C ARG A 369 -22.22 -7.32 15.71
N MET A 370 -22.40 -8.11 16.77
CA MET A 370 -21.31 -8.96 17.22
C MET A 370 -21.05 -10.09 16.22
N ASN A 371 -22.10 -10.59 15.57
CA ASN A 371 -21.90 -11.58 14.52
C ASN A 371 -21.12 -11.01 13.34
N LEU A 372 -21.43 -9.78 12.94
CA LEU A 372 -20.66 -9.13 11.89
C LEU A 372 -19.22 -8.89 12.30
N ALA A 373 -19.01 -8.47 13.55
CA ALA A 373 -17.65 -8.30 14.06
C ALA A 373 -16.89 -9.61 14.04
N SER A 374 -17.54 -10.70 14.43
CA SER A 374 -16.88 -12.01 14.41
C SER A 374 -16.60 -12.46 12.98
N SER A 375 -17.49 -12.14 12.03
CA SER A 375 -17.21 -12.44 10.63
C SER A 375 -15.97 -11.69 10.16
N PHE A 376 -15.86 -10.41 10.53
CA PHE A 376 -14.69 -9.64 10.15
C PHE A 376 -13.42 -10.18 10.79
N VAL A 377 -13.50 -10.59 12.07
CA VAL A 377 -12.34 -11.17 12.73
C VAL A 377 -11.94 -12.47 12.05
N ASN A 378 -12.92 -13.30 11.69
CA ASN A 378 -12.64 -14.56 11.01
C ASN A 378 -11.95 -14.30 9.68
N GLY A 379 -12.40 -13.29 8.94
CA GLY A 379 -11.73 -12.94 7.70
C GLY A 379 -10.32 -12.43 7.93
N PHE A 380 -10.14 -11.57 8.94
CA PHE A 380 -8.84 -10.97 9.18
C PHE A 380 -7.80 -11.99 9.60
N VAL A 381 -8.14 -12.81 10.59
CA VAL A 381 -7.14 -13.71 11.17
C VAL A 381 -6.70 -14.77 10.16
N ASN A 382 -7.66 -15.35 9.44
CA ASN A 382 -7.35 -16.39 8.47
C ASN A 382 -7.12 -15.83 7.06
N ALA A 383 -6.70 -14.57 6.95
CA ALA A 383 -6.54 -13.96 5.65
C ALA A 383 -5.44 -14.66 4.85
N ALA A 384 -5.73 -14.92 3.57
CA ALA A 384 -4.80 -15.50 2.61
C ALA A 384 -4.40 -16.94 2.94
N PHE A 385 -5.10 -17.59 3.88
CA PHE A 385 -4.77 -18.96 4.25
C PHE A 385 -5.59 -19.99 3.51
N GLY A 386 -6.82 -19.66 3.12
CA GLY A 386 -7.65 -20.57 2.36
C GLY A 386 -8.34 -21.64 3.17
N GLN A 387 -8.16 -21.66 4.49
CA GLN A 387 -8.79 -22.65 5.35
C GLN A 387 -9.45 -21.94 6.53
N ASP A 388 -10.56 -22.51 6.99
CA ASP A 388 -11.33 -21.89 8.06
C ASP A 388 -12.23 -22.95 8.70
N LYS A 389 -12.37 -22.86 10.02
CA LYS A 389 -13.28 -23.73 10.76
C LYS A 389 -14.70 -23.19 10.79
N LEU A 390 -14.95 -22.03 10.20
CA LEU A 390 -16.23 -21.35 10.33
C LEU A 390 -16.90 -21.01 9.01
N LEU A 391 -16.15 -20.92 7.91
CA LEU A 391 -16.72 -20.62 6.61
C LEU A 391 -16.45 -21.68 5.55
N THR A 392 -15.27 -22.29 5.55
CA THR A 392 -14.98 -23.37 4.63
C THR A 392 -15.79 -24.63 4.95
N ASP A 393 -16.36 -24.72 6.15
CA ASP A 393 -17.34 -25.74 6.48
C ASP A 393 -18.67 -25.33 5.89
N ASP A 394 -19.75 -25.96 6.32
CA ASP A 394 -21.07 -25.51 5.86
C ASP A 394 -21.34 -24.14 6.47
N GLY A 395 -20.94 -23.10 5.76
CA GLY A 395 -20.99 -21.74 6.26
C GLY A 395 -22.31 -21.04 6.12
N ASN A 396 -23.31 -21.70 5.53
CA ASN A 396 -24.62 -21.08 5.39
C ASN A 396 -25.23 -20.77 6.75
N LYS A 397 -24.99 -21.62 7.74
CA LYS A 397 -25.45 -21.32 9.10
C LYS A 397 -24.85 -20.03 9.61
N TRP A 398 -23.52 -19.91 9.55
CA TRP A 398 -22.88 -18.69 10.00
C TRP A 398 -23.22 -17.50 9.10
N LEU A 399 -23.31 -17.73 7.79
CA LEU A 399 -23.61 -16.63 6.87
C LEU A 399 -24.99 -16.05 7.14
N TYR A 400 -25.98 -16.90 7.38
CA TYR A 400 -27.31 -16.44 7.72
C TYR A 400 -27.43 -16.03 9.19
N LYS A 401 -26.42 -16.34 10.02
CA LYS A 401 -26.43 -15.83 11.38
C LYS A 401 -26.28 -14.31 11.42
N ASN A 402 -25.70 -13.71 10.40
CA ASN A 402 -25.69 -12.26 10.28
C ASN A 402 -27.03 -11.77 9.74
N LYS A 403 -27.26 -10.47 9.88
CA LYS A 403 -28.53 -9.87 9.47
C LYS A 403 -28.26 -8.64 8.62
N ASP A 404 -28.98 -8.54 7.50
CA ASP A 404 -29.01 -7.35 6.63
C ASP A 404 -27.60 -7.10 6.10
N HIS A 405 -27.08 -5.86 6.19
CA HIS A 405 -25.84 -5.52 5.51
C HIS A 405 -24.61 -6.20 6.10
N GLY A 406 -24.67 -6.61 7.37
CA GLY A 406 -23.60 -7.45 7.89
C GLY A 406 -23.49 -8.76 7.15
N MET A 407 -24.64 -9.31 6.75
CA MET A 407 -24.70 -10.46 5.86
C MET A 407 -24.02 -10.16 4.53
N LEU A 408 -23.88 -8.88 4.18
CA LEU A 408 -23.04 -8.48 3.07
C LEU A 408 -21.57 -8.84 3.34
N SER A 409 -21.04 -8.40 4.47
CA SER A 409 -19.60 -8.48 4.69
C SER A 409 -19.12 -9.90 4.95
N ALA A 410 -19.91 -10.68 5.69
CA ALA A 410 -19.48 -12.04 6.04
C ALA A 410 -19.15 -12.84 4.78
N ALA A 411 -20.04 -12.82 3.79
CA ALA A 411 -19.75 -13.51 2.54
C ALA A 411 -18.49 -12.97 1.90
N ALA A 412 -18.31 -11.64 1.91
CA ALA A 412 -17.07 -11.08 1.38
C ALA A 412 -15.87 -11.56 2.18
N SER A 413 -16.02 -11.75 3.48
CA SER A 413 -14.92 -12.28 4.28
C SER A 413 -14.49 -13.65 3.80
N LEU A 414 -15.39 -14.40 3.16
CA LEU A 414 -15.02 -15.72 2.65
C LEU A 414 -13.98 -15.59 1.54
N GLY A 415 -13.98 -14.48 0.81
CA GLY A 415 -12.93 -14.24 -0.15
C GLY A 415 -11.64 -13.74 0.45
N MET A 416 -11.67 -13.27 1.70
CA MET A 416 -10.47 -12.80 2.36
C MET A 416 -9.60 -13.95 2.84
N ILE A 417 -10.21 -15.06 3.28
CA ILE A 417 -9.43 -16.25 3.63
C ILE A 417 -8.72 -16.80 2.41
N LEU A 418 -9.36 -16.73 1.24
CA LEU A 418 -8.78 -17.24 0.00
C LEU A 418 -8.04 -16.17 -0.78
N LEU A 419 -7.46 -15.19 -0.09
CA LEU A 419 -6.76 -14.10 -0.77
C LEU A 419 -5.58 -14.64 -1.59
N TRP A 420 -5.37 -14.05 -2.76
CA TRP A 420 -4.33 -14.37 -3.73
C TRP A 420 -4.51 -15.74 -4.37
N ASP A 421 -5.60 -16.45 -4.06
CA ASP A 421 -5.87 -17.77 -4.63
C ASP A 421 -7.03 -17.61 -5.61
N VAL A 422 -6.71 -17.25 -6.86
CA VAL A 422 -7.76 -16.95 -7.83
C VAL A 422 -8.35 -18.19 -8.48
N ASP A 423 -7.83 -19.37 -8.19
CA ASP A 423 -8.41 -20.62 -8.67
C ASP A 423 -9.23 -21.32 -7.60
N GLY A 424 -8.63 -21.62 -6.46
CA GLY A 424 -9.37 -22.24 -5.38
C GLY A 424 -10.41 -21.31 -4.77
N GLY A 425 -10.06 -20.03 -4.61
CA GLY A 425 -11.00 -19.09 -4.03
C GLY A 425 -12.26 -18.95 -4.84
N LEU A 426 -12.11 -18.77 -6.16
CA LEU A 426 -13.27 -18.67 -7.03
C LEU A 426 -14.06 -19.98 -7.04
N THR A 427 -13.41 -21.11 -6.80
CA THR A 427 -14.14 -22.36 -6.65
C THR A 427 -15.00 -22.35 -5.40
N GLN A 428 -14.46 -21.86 -4.29
CA GLN A 428 -15.22 -21.82 -3.05
C GLN A 428 -16.25 -20.71 -2.99
N ILE A 429 -16.17 -19.72 -3.87
CA ILE A 429 -17.11 -18.59 -3.83
C ILE A 429 -18.30 -18.90 -4.73
N ASP A 430 -18.09 -19.71 -5.76
CA ASP A 430 -19.11 -19.92 -6.78
C ASP A 430 -20.40 -20.49 -6.19
N LYS A 431 -20.31 -21.19 -5.06
CA LYS A 431 -21.52 -21.72 -4.43
C LYS A 431 -22.44 -20.58 -3.99
N TYR A 432 -21.86 -19.49 -3.49
CA TYR A 432 -22.66 -18.36 -3.02
C TYR A 432 -23.12 -17.44 -4.15
N LEU A 433 -22.58 -17.60 -5.37
CA LEU A 433 -23.03 -16.80 -6.49
C LEU A 433 -24.45 -17.17 -6.94
N TYR A 434 -24.97 -18.32 -6.52
CA TYR A 434 -26.27 -18.79 -6.93
C TYR A 434 -27.37 -18.45 -5.92
N SER A 435 -27.03 -17.69 -4.88
CA SER A 435 -28.00 -17.39 -3.83
C SER A 435 -29.13 -16.53 -4.37
N SER A 436 -30.34 -16.81 -3.87
CA SER A 436 -31.47 -15.93 -4.15
C SER A 436 -31.43 -14.66 -3.32
N GLU A 437 -30.58 -14.63 -2.29
CA GLU A 437 -30.41 -13.44 -1.46
C GLU A 437 -29.43 -12.48 -2.11
N ASP A 438 -29.85 -11.22 -2.24
CA ASP A 438 -28.99 -10.22 -2.87
C ASP A 438 -27.74 -9.93 -2.04
N TYR A 439 -27.87 -9.88 -0.72
CA TYR A 439 -26.73 -9.55 0.12
C TYR A 439 -25.62 -10.58 0.00
N ILE A 440 -25.96 -11.86 0.06
CA ILE A 440 -24.94 -12.90 -0.11
C ILE A 440 -24.37 -12.88 -1.52
N LYS A 441 -25.21 -12.67 -2.52
CA LYS A 441 -24.71 -12.69 -3.89
C LYS A 441 -23.69 -11.58 -4.12
N SER A 442 -24.00 -10.36 -3.68
CA SER A 442 -23.05 -9.27 -3.88
C SER A 442 -21.87 -9.34 -2.94
N GLY A 443 -22.04 -9.88 -1.73
CA GLY A 443 -20.89 -10.13 -0.88
C GLY A 443 -19.95 -11.14 -1.50
N ALA A 444 -20.49 -12.15 -2.17
CA ALA A 444 -19.66 -13.13 -2.85
C ALA A 444 -19.01 -12.53 -4.10
N LEU A 445 -19.69 -11.60 -4.78
CA LEU A 445 -19.05 -10.88 -5.86
C LEU A 445 -17.86 -10.07 -5.35
N LEU A 446 -18.04 -9.38 -4.22
CA LEU A 446 -16.93 -8.68 -3.60
C LEU A 446 -15.83 -9.64 -3.17
N ALA A 447 -16.20 -10.84 -2.72
CA ALA A 447 -15.21 -11.85 -2.38
C ALA A 447 -14.42 -12.30 -3.61
N CYS A 448 -15.10 -12.46 -4.75
CA CYS A 448 -14.41 -12.77 -5.99
C CYS A 448 -13.42 -11.68 -6.35
N GLY A 449 -13.84 -10.42 -6.19
CA GLY A 449 -12.92 -9.31 -6.44
C GLY A 449 -11.73 -9.32 -5.49
N ILE A 450 -11.98 -9.60 -4.21
CA ILE A 450 -10.92 -9.62 -3.21
C ILE A 450 -9.92 -10.74 -3.53
N VAL A 451 -10.43 -11.90 -3.93
CA VAL A 451 -9.57 -13.04 -4.20
C VAL A 451 -8.57 -12.71 -5.31
N ASN A 452 -9.00 -11.96 -6.31
CA ASN A 452 -8.14 -11.59 -7.43
C ASN A 452 -7.25 -10.39 -7.13
N SER A 453 -7.36 -9.79 -5.95
CA SER A 453 -6.53 -8.64 -5.61
C SER A 453 -5.08 -9.06 -5.48
N GLY A 454 -4.18 -8.25 -6.02
CA GLY A 454 -2.76 -8.55 -5.99
C GLY A 454 -2.31 -9.40 -7.15
N VAL A 455 -2.84 -10.61 -7.25
CA VAL A 455 -2.51 -11.49 -8.36
C VAL A 455 -3.09 -10.94 -9.65
N ARG A 456 -2.31 -11.02 -10.73
CA ARG A 456 -2.73 -10.53 -12.04
C ARG A 456 -2.89 -11.74 -12.95
N ASN A 457 -4.10 -12.29 -12.97
CA ASN A 457 -4.39 -13.43 -13.84
C ASN A 457 -4.52 -12.96 -15.29
N GLU A 458 -4.07 -13.80 -16.22
CA GLU A 458 -4.09 -13.43 -17.62
C GLU A 458 -5.49 -13.49 -18.21
N CYS A 459 -6.33 -14.39 -17.72
CA CYS A 459 -7.66 -14.58 -18.29
C CYS A 459 -8.70 -13.63 -17.73
N ASP A 460 -8.36 -12.84 -16.72
CA ASP A 460 -9.25 -11.85 -16.13
C ASP A 460 -10.53 -12.49 -15.62
N PRO A 461 -10.47 -13.30 -14.55
CA PRO A 461 -11.71 -13.89 -14.04
C PRO A 461 -12.61 -12.88 -13.34
N ALA A 462 -12.03 -11.92 -12.63
CA ALA A 462 -12.83 -10.91 -11.95
C ALA A 462 -13.61 -10.06 -12.95
N LEU A 463 -12.97 -9.68 -14.06
CA LEU A 463 -13.65 -8.96 -15.11
C LEU A 463 -14.71 -9.81 -15.81
N ALA A 464 -14.66 -11.13 -15.66
CA ALA A 464 -15.66 -12.00 -16.26
C ALA A 464 -16.86 -12.21 -15.33
N LEU A 465 -16.62 -12.32 -14.02
CA LEU A 465 -17.70 -12.57 -13.09
C LEU A 465 -18.45 -11.30 -12.69
N LEU A 466 -17.73 -10.22 -12.41
CA LEU A 466 -18.32 -9.03 -11.84
C LEU A 466 -18.78 -8.01 -12.87
N SER A 467 -18.49 -8.23 -14.16
CA SER A 467 -18.82 -7.24 -15.17
C SER A 467 -20.32 -7.16 -15.41
N ASP A 468 -21.01 -8.30 -15.32
CA ASP A 468 -22.43 -8.32 -15.65
C ASP A 468 -23.30 -7.69 -14.58
N TYR A 469 -22.76 -7.40 -13.40
CA TYR A 469 -23.53 -6.86 -12.30
C TYR A 469 -23.19 -5.41 -11.97
N VAL A 470 -22.43 -4.73 -12.84
CA VAL A 470 -22.12 -3.33 -12.60
C VAL A 470 -23.26 -2.40 -12.99
N LEU A 471 -24.20 -2.87 -13.81
CA LEU A 471 -25.37 -2.10 -14.20
C LEU A 471 -26.66 -2.81 -13.79
N HIS A 472 -26.59 -3.60 -12.72
CA HIS A 472 -27.75 -4.34 -12.24
C HIS A 472 -28.79 -3.40 -11.65
N ASN A 473 -30.03 -3.88 -11.59
CA ASN A 473 -31.09 -3.09 -10.97
C ASN A 473 -30.85 -2.89 -9.48
N SER A 474 -30.41 -3.95 -8.79
CA SER A 474 -30.16 -3.86 -7.36
C SER A 474 -28.91 -3.05 -7.09
N ASN A 475 -29.00 -2.08 -6.17
CA ASN A 475 -27.85 -1.28 -5.83
C ASN A 475 -26.82 -2.08 -5.02
N THR A 476 -27.26 -3.13 -4.34
CA THR A 476 -26.31 -4.00 -3.64
C THR A 476 -25.47 -4.81 -4.64
N MET A 477 -26.11 -5.28 -5.71
CA MET A 477 -25.37 -5.94 -6.79
C MET A 477 -24.24 -5.05 -7.28
N ARG A 478 -24.54 -3.78 -7.57
CA ARG A 478 -23.52 -2.85 -8.00
C ARG A 478 -22.50 -2.59 -6.91
N LEU A 479 -22.95 -2.48 -5.66
CA LEU A 479 -22.06 -2.16 -4.56
C LEU A 479 -20.98 -3.21 -4.41
N GLY A 480 -21.36 -4.49 -4.43
CA GLY A 480 -20.38 -5.55 -4.39
C GLY A 480 -19.51 -5.62 -5.62
N SER A 481 -20.10 -5.52 -6.81
CA SER A 481 -19.38 -5.73 -8.06
C SER A 481 -18.34 -4.64 -8.30
N ILE A 482 -18.71 -3.38 -8.12
CA ILE A 482 -17.78 -2.28 -8.40
C ILE A 482 -16.60 -2.34 -7.44
N PHE A 483 -16.86 -2.57 -6.15
CA PHE A 483 -15.77 -2.62 -5.19
C PHE A 483 -14.88 -3.83 -5.43
N GLY A 484 -15.47 -4.97 -5.79
CA GLY A 484 -14.66 -6.13 -6.11
C GLY A 484 -13.79 -5.91 -7.33
N LEU A 485 -14.35 -5.29 -8.37
CA LEU A 485 -13.56 -5.00 -9.57
C LEU A 485 -12.45 -3.99 -9.28
N GLY A 486 -12.73 -3.02 -8.41
CA GLY A 486 -11.69 -2.07 -8.03
C GLY A 486 -10.57 -2.72 -7.26
N LEU A 487 -10.90 -3.60 -6.30
CA LEU A 487 -9.88 -4.28 -5.54
C LEU A 487 -9.08 -5.23 -6.42
N ALA A 488 -9.75 -5.94 -7.33
CA ALA A 488 -9.06 -6.92 -8.17
C ALA A 488 -8.07 -6.25 -9.11
N TYR A 489 -8.46 -5.13 -9.71
CA TYR A 489 -7.63 -4.43 -10.69
C TYR A 489 -7.07 -3.13 -10.14
N ALA A 490 -6.87 -3.06 -8.83
CA ALA A 490 -6.30 -1.86 -8.23
C ALA A 490 -4.85 -1.69 -8.66
N GLY A 491 -4.47 -0.45 -8.95
CA GLY A 491 -3.12 -0.17 -9.41
C GLY A 491 -2.78 -0.81 -10.73
N SER A 492 -3.75 -0.94 -11.62
CA SER A 492 -3.54 -1.57 -12.92
C SER A 492 -3.73 -0.63 -14.10
N ASN A 493 -4.54 0.43 -13.92
CA ASN A 493 -4.80 1.40 -14.99
C ASN A 493 -5.30 0.72 -16.26
N ARG A 494 -6.16 -0.28 -16.08
CA ARG A 494 -6.69 -1.03 -17.21
C ARG A 494 -7.76 -0.22 -17.93
N GLU A 495 -7.60 -0.07 -19.25
CA GLU A 495 -8.55 0.73 -20.01
C GLU A 495 -9.92 0.07 -20.06
N ASP A 496 -9.97 -1.25 -20.22
CA ASP A 496 -11.26 -1.93 -20.34
C ASP A 496 -12.06 -1.83 -19.05
N VAL A 497 -11.42 -2.05 -17.91
CA VAL A 497 -12.13 -1.98 -16.63
C VAL A 497 -12.62 -0.56 -16.38
N LEU A 498 -11.78 0.43 -16.66
CA LEU A 498 -12.19 1.82 -16.45
C LEU A 498 -13.33 2.21 -17.36
N THR A 499 -13.30 1.78 -18.62
CA THR A 499 -14.40 2.07 -19.53
C THR A 499 -15.67 1.34 -19.15
N LEU A 500 -15.55 0.17 -18.50
CA LEU A 500 -16.71 -0.54 -18.00
C LEU A 500 -17.28 0.09 -16.73
N LEU A 501 -16.44 0.73 -15.92
CA LEU A 501 -16.88 1.28 -14.64
C LEU A 501 -17.29 2.74 -14.69
N LEU A 502 -16.77 3.52 -15.64
CA LEU A 502 -17.09 4.94 -15.70
C LEU A 502 -18.57 5.24 -15.89
N PRO A 503 -19.30 4.58 -16.82
CA PRO A 503 -20.72 4.93 -16.99
C PRO A 503 -21.58 4.67 -15.76
N VAL A 504 -21.10 3.89 -14.79
CA VAL A 504 -21.87 3.64 -13.57
C VAL A 504 -22.09 4.94 -12.80
N MET A 505 -21.15 5.87 -12.88
CA MET A 505 -21.29 7.13 -12.15
C MET A 505 -22.50 7.92 -12.63
N GLY A 506 -22.62 8.10 -13.94
CA GLY A 506 -23.71 8.88 -14.49
C GLY A 506 -25.03 8.17 -14.64
N ASP A 507 -25.10 6.90 -14.26
CA ASP A 507 -26.35 6.16 -14.36
C ASP A 507 -27.37 6.72 -13.38
N SER A 508 -28.60 6.88 -13.86
CA SER A 508 -29.66 7.45 -13.03
C SER A 508 -29.97 6.56 -11.84
N LYS A 509 -30.04 5.25 -12.06
CA LYS A 509 -30.37 4.31 -10.98
C LYS A 509 -29.26 4.19 -9.95
N SER A 510 -28.07 4.72 -10.21
CA SER A 510 -26.96 4.63 -9.28
C SER A 510 -27.18 5.61 -8.14
N SER A 511 -27.18 5.10 -6.91
CA SER A 511 -27.31 5.95 -5.75
C SER A 511 -25.99 6.65 -5.45
N MET A 512 -26.00 7.54 -4.45
CA MET A 512 -24.77 8.23 -4.09
C MET A 512 -23.76 7.25 -3.51
N GLU A 513 -24.25 6.21 -2.84
CA GLU A 513 -23.37 5.12 -2.40
C GLU A 513 -22.65 4.47 -3.57
N VAL A 514 -23.40 4.17 -4.63
CA VAL A 514 -22.81 3.51 -5.79
C VAL A 514 -21.83 4.44 -6.50
N ALA A 515 -22.17 5.73 -6.58
CA ALA A 515 -21.26 6.70 -7.19
C ALA A 515 -19.97 6.80 -6.39
N GLY A 516 -20.08 6.84 -5.06
CA GLY A 516 -18.88 6.91 -4.24
C GLY A 516 -18.01 5.67 -4.35
N VAL A 517 -18.65 4.49 -4.36
CA VAL A 517 -17.88 3.25 -4.49
C VAL A 517 -17.25 3.15 -5.88
N THR A 518 -17.94 3.67 -6.90
CA THR A 518 -17.35 3.72 -8.23
C THR A 518 -16.14 4.65 -8.26
N ALA A 519 -16.22 5.78 -7.57
CA ALA A 519 -15.08 6.67 -7.46
C ALA A 519 -13.91 5.97 -6.78
N LEU A 520 -14.18 5.26 -5.69
CA LEU A 520 -13.13 4.54 -5.00
C LEU A 520 -12.50 3.49 -5.90
N ALA A 521 -13.31 2.72 -6.61
CA ALA A 521 -12.79 1.67 -7.47
C ALA A 521 -11.98 2.23 -8.62
N CYS A 522 -12.47 3.31 -9.25
CA CYS A 522 -11.75 3.91 -10.37
C CYS A 522 -10.45 4.54 -9.90
N GLY A 523 -10.45 5.15 -8.71
CA GLY A 523 -9.21 5.68 -8.18
C GLY A 523 -8.20 4.58 -7.86
N MET A 524 -8.68 3.46 -7.30
CA MET A 524 -7.79 2.37 -6.98
C MET A 524 -7.21 1.74 -8.25
N ILE A 525 -8.03 1.59 -9.29
CA ILE A 525 -7.57 1.00 -10.54
C ILE A 525 -6.50 1.87 -11.20
N ALA A 526 -6.71 3.19 -11.21
CA ALA A 526 -5.83 4.13 -11.88
C ALA A 526 -5.11 5.02 -10.88
N VAL A 527 -4.63 4.43 -9.79
CA VAL A 527 -3.98 5.22 -8.74
C VAL A 527 -2.64 5.74 -9.24
N GLY A 528 -2.40 7.04 -9.05
CA GLY A 528 -1.14 7.63 -9.43
C GLY A 528 -0.88 7.70 -10.91
N SER A 529 -1.91 7.54 -11.73
CA SER A 529 -1.73 7.53 -13.18
C SER A 529 -2.21 8.81 -13.86
N CYS A 530 -2.94 9.67 -13.14
CA CYS A 530 -3.48 10.90 -13.69
C CYS A 530 -4.30 10.63 -14.96
N ASN A 531 -5.17 9.62 -14.87
CA ASN A 531 -5.99 9.25 -16.01
C ASN A 531 -6.95 10.37 -16.36
N GLY A 532 -6.95 10.77 -17.63
CA GLY A 532 -7.82 11.85 -18.06
C GLY A 532 -9.29 11.51 -17.98
N ASP A 533 -9.66 10.31 -18.43
CA ASP A 533 -11.07 9.90 -18.41
C ASP A 533 -11.61 9.82 -17.00
N VAL A 534 -10.82 9.24 -16.07
CA VAL A 534 -11.27 9.13 -14.70
C VAL A 534 -11.48 10.51 -14.09
N THR A 535 -10.52 11.41 -14.28
CA THR A 535 -10.64 12.75 -13.72
C THR A 535 -11.85 13.48 -14.30
N SER A 536 -12.03 13.41 -15.62
CA SER A 536 -13.15 14.10 -16.26
C SER A 536 -14.48 13.56 -15.75
N THR A 537 -14.60 12.23 -15.67
CA THR A 537 -15.85 11.63 -15.20
C THR A 537 -16.13 11.97 -13.74
N ILE A 538 -15.12 11.92 -12.88
CA ILE A 538 -15.33 12.26 -11.47
C ILE A 538 -15.73 13.72 -11.32
N LEU A 539 -15.06 14.61 -12.06
CA LEU A 539 -15.41 16.03 -12.00
C LEU A 539 -16.84 16.26 -12.48
N GLN A 540 -17.22 15.62 -13.58
CA GLN A 540 -18.59 15.77 -14.09
C GLN A 540 -19.60 15.27 -13.06
N THR A 541 -19.33 14.12 -12.45
CA THR A 541 -20.23 13.59 -11.43
C THR A 541 -20.36 14.55 -10.25
N ILE A 542 -19.24 15.15 -9.85
CA ILE A 542 -19.29 16.11 -8.74
C ILE A 542 -20.12 17.33 -9.12
N MET A 543 -19.95 17.83 -10.35
CA MET A 543 -20.70 19.00 -10.77
C MET A 543 -22.20 18.71 -10.84
N GLU A 544 -22.58 17.54 -11.35
CA GLU A 544 -23.99 17.24 -11.52
C GLU A 544 -24.72 17.11 -10.19
N LYS A 545 -24.01 16.73 -9.13
CA LYS A 545 -24.64 16.61 -7.82
C LYS A 545 -25.01 17.98 -7.26
N SER A 546 -26.20 18.06 -6.68
CA SER A 546 -26.63 19.30 -6.04
C SER A 546 -25.98 19.45 -4.67
N GLU A 547 -26.11 20.65 -4.11
CA GLU A 547 -25.52 20.92 -2.80
C GLU A 547 -26.15 20.03 -1.73
N THR A 548 -27.47 19.87 -1.77
CA THR A 548 -28.14 18.98 -0.83
C THR A 548 -27.64 17.54 -0.99
N GLU A 549 -27.46 17.10 -2.23
CA GLU A 549 -26.86 15.79 -2.46
C GLU A 549 -25.43 15.74 -1.94
N LEU A 550 -24.67 16.84 -2.13
CA LEU A 550 -23.30 16.89 -1.65
C LEU A 550 -23.21 16.87 -0.13
N LYS A 551 -24.30 17.20 0.58
CA LYS A 551 -24.30 17.06 2.02
C LYS A 551 -24.16 15.60 2.46
N ASP A 552 -24.45 14.66 1.58
CA ASP A 552 -24.27 13.25 1.90
C ASP A 552 -22.80 12.94 2.11
N THR A 553 -22.51 12.11 3.11
CA THR A 553 -21.13 11.79 3.44
C THR A 553 -20.49 10.82 2.46
N TYR A 554 -21.27 9.99 1.78
CA TYR A 554 -20.70 9.12 0.75
C TYR A 554 -20.18 9.90 -0.43
N ALA A 555 -20.65 11.13 -0.64
CA ALA A 555 -20.06 12.03 -1.62
C ALA A 555 -18.59 12.27 -1.34
N ARG A 556 -18.16 12.11 -0.08
CA ARG A 556 -16.76 12.27 0.27
C ARG A 556 -15.88 11.28 -0.49
N TRP A 557 -16.46 10.18 -0.99
CA TRP A 557 -15.67 9.22 -1.76
C TRP A 557 -15.37 9.74 -3.17
N LEU A 558 -16.16 10.68 -3.68
CA LEU A 558 -15.90 11.21 -5.02
C LEU A 558 -14.56 11.93 -5.11
N PRO A 559 -14.21 12.87 -4.23
CA PRO A 559 -12.86 13.46 -4.30
C PRO A 559 -11.76 12.44 -4.08
N LEU A 560 -11.99 11.47 -3.18
CA LEU A 560 -10.95 10.48 -2.90
C LEU A 560 -10.56 9.72 -4.16
N GLY A 561 -11.54 9.23 -4.92
CA GLY A 561 -11.24 8.61 -6.19
C GLY A 561 -10.52 9.55 -7.13
N LEU A 562 -10.89 10.83 -7.09
CA LEU A 562 -10.11 11.83 -7.82
C LEU A 562 -8.71 11.95 -7.23
N GLY A 563 -8.61 12.05 -5.90
CA GLY A 563 -7.31 12.19 -5.28
C GLY A 563 -6.42 10.99 -5.52
N LEU A 564 -6.98 9.78 -5.38
CA LEU A 564 -6.23 8.58 -5.70
C LEU A 564 -5.77 8.58 -7.15
N ASN A 565 -6.50 9.25 -8.03
CA ASN A 565 -6.08 9.32 -9.42
C ASN A 565 -4.75 10.05 -9.55
N HIS A 566 -4.49 11.02 -8.68
CA HIS A 566 -3.27 11.81 -8.72
C HIS A 566 -2.43 11.59 -7.45
N LEU A 567 -2.36 10.34 -6.98
CA LEU A 567 -1.65 10.06 -5.75
C LEU A 567 -0.15 10.23 -5.96
N GLY A 568 0.45 11.15 -5.22
CA GLY A 568 1.88 11.37 -5.29
C GLY A 568 2.36 12.15 -6.49
N LYS A 569 1.46 12.66 -7.31
CA LYS A 569 1.88 13.36 -8.52
C LYS A 569 2.40 14.76 -8.23
N GLY A 570 1.90 15.40 -7.18
CA GLY A 570 2.43 16.68 -6.76
C GLY A 570 1.71 17.85 -7.43
N GLU A 571 2.44 18.61 -8.24
CA GLU A 571 1.92 19.83 -8.85
C GLU A 571 1.07 19.56 -10.10
N ALA A 572 0.60 18.34 -10.29
CA ALA A 572 -0.24 18.01 -11.43
C ALA A 572 -1.72 18.21 -11.16
N ILE A 573 -2.09 18.72 -9.99
CA ILE A 573 -3.49 18.88 -9.61
C ILE A 573 -3.95 20.33 -9.72
N GLU A 574 -3.05 21.27 -10.03
CA GLU A 574 -3.44 22.68 -10.07
C GLU A 574 -4.64 22.90 -10.99
N ALA A 575 -4.56 22.41 -12.22
CA ALA A 575 -5.70 22.48 -13.12
C ALA A 575 -6.92 21.83 -12.50
N ILE A 576 -6.74 20.63 -11.94
CA ILE A 576 -7.83 19.98 -11.22
C ILE A 576 -8.34 20.88 -10.11
N LEU A 577 -7.43 21.50 -9.35
CA LEU A 577 -7.84 22.45 -8.32
C LEU A 577 -8.71 23.55 -8.91
N ALA A 578 -8.30 24.09 -10.06
CA ALA A 578 -9.12 25.09 -10.73
C ALA A 578 -10.49 24.53 -11.06
N ALA A 579 -10.54 23.29 -11.57
CA ALA A 579 -11.82 22.66 -11.88
C ALA A 579 -12.67 22.53 -10.62
N LEU A 580 -12.04 22.41 -9.45
CA LEU A 580 -12.79 22.27 -8.22
C LEU A 580 -13.25 23.60 -7.65
N GLU A 581 -12.89 24.72 -8.27
CA GLU A 581 -13.24 26.02 -7.71
C GLU A 581 -14.74 26.31 -7.82
N VAL A 582 -15.37 25.88 -8.92
CA VAL A 582 -16.79 26.14 -9.13
C VAL A 582 -17.67 25.37 -8.15
N VAL A 583 -17.18 24.25 -7.61
CA VAL A 583 -17.96 23.44 -6.68
C VAL A 583 -18.35 24.28 -5.47
N SER A 584 -19.57 24.06 -4.98
CA SER A 584 -20.06 24.80 -3.82
C SER A 584 -19.44 24.28 -2.53
N GLU A 585 -19.45 25.11 -1.51
CA GLU A 585 -18.95 24.79 -0.18
C GLU A 585 -20.08 24.26 0.69
N PRO A 586 -19.76 23.48 1.73
CA PRO A 586 -18.44 23.11 2.24
C PRO A 586 -17.83 21.91 1.52
N PHE A 587 -18.52 21.36 0.51
CA PHE A 587 -17.94 20.23 -0.21
C PHE A 587 -16.74 20.65 -1.04
N ARG A 588 -16.70 21.90 -1.49
CA ARG A 588 -15.54 22.37 -2.25
C ARG A 588 -14.27 22.33 -1.41
N SER A 589 -14.35 22.79 -0.17
CA SER A 589 -13.18 22.75 0.70
C SER A 589 -12.75 21.32 0.99
N PHE A 590 -13.72 20.44 1.24
CA PHE A 590 -13.39 19.03 1.49
C PHE A 590 -12.71 18.41 0.29
N ALA A 591 -13.26 18.60 -0.91
CA ALA A 591 -12.66 18.04 -2.12
C ALA A 591 -11.28 18.63 -2.36
N ASN A 592 -11.14 19.94 -2.20
CA ASN A 592 -9.85 20.59 -2.40
C ASN A 592 -8.80 20.02 -1.46
N THR A 593 -9.12 19.92 -0.17
CA THR A 593 -8.17 19.40 0.80
C THR A 593 -7.83 17.94 0.48
N LEU A 594 -8.83 17.14 0.12
CA LEU A 594 -8.58 15.72 -0.15
C LEU A 594 -7.65 15.54 -1.34
N VAL A 595 -7.94 16.22 -2.45
CA VAL A 595 -7.11 16.04 -3.64
C VAL A 595 -5.73 16.66 -3.43
N ASP A 596 -5.65 17.80 -2.74
CA ASP A 596 -4.36 18.41 -2.45
C ASP A 596 -3.50 17.48 -1.60
N VAL A 597 -4.12 16.83 -0.61
CA VAL A 597 -3.40 15.87 0.21
C VAL A 597 -2.95 14.67 -0.60
N CYS A 598 -3.84 14.11 -1.42
CA CYS A 598 -3.49 12.91 -2.17
C CYS A 598 -2.38 13.19 -3.18
N ALA A 599 -2.35 14.40 -3.74
CA ALA A 599 -1.31 14.71 -4.72
C ALA A 599 0.08 14.73 -4.11
N TYR A 600 0.18 15.05 -2.81
CA TYR A 600 1.47 15.12 -2.12
C TYR A 600 1.64 13.99 -1.13
N ALA A 601 0.97 12.86 -1.34
CA ALA A 601 1.08 11.73 -0.44
C ALA A 601 2.49 11.16 -0.48
N GLY A 602 3.03 10.87 0.70
CA GLY A 602 4.36 10.30 0.80
C GLY A 602 5.46 11.17 0.24
N SER A 603 5.32 12.49 0.38
CA SER A 603 6.32 13.42 -0.13
C SER A 603 7.06 14.19 0.96
N GLY A 604 6.48 14.32 2.15
CA GLY A 604 7.12 15.04 3.22
C GLY A 604 7.23 16.53 2.98
N ASN A 605 6.45 17.08 2.06
CA ASN A 605 6.51 18.50 1.74
C ASN A 605 6.03 19.30 2.94
N VAL A 606 6.96 19.98 3.62
CA VAL A 606 6.60 20.72 4.84
C VAL A 606 5.72 21.92 4.52
N LEU A 607 5.81 22.45 3.30
CA LEU A 607 4.92 23.54 2.92
C LEU A 607 3.46 23.08 2.88
N LYS A 608 3.21 21.90 2.32
CA LYS A 608 1.85 21.38 2.29
C LYS A 608 1.34 21.07 3.68
N VAL A 609 2.20 20.53 4.55
CA VAL A 609 1.80 20.28 5.92
C VAL A 609 1.52 21.59 6.65
N GLN A 610 2.28 22.64 6.33
CA GLN A 610 1.99 23.95 6.89
C GLN A 610 0.63 24.45 6.46
N GLN A 611 0.30 24.27 5.18
CA GLN A 611 -1.04 24.66 4.70
C GLN A 611 -2.12 23.85 5.41
N LEU A 612 -1.89 22.56 5.61
CA LEU A 612 -2.87 21.73 6.31
C LEU A 612 -3.04 22.19 7.76
N LEU A 613 -1.95 22.56 8.42
CA LEU A 613 -2.07 23.07 9.78
C LEU A 613 -2.78 24.43 9.82
N HIS A 614 -2.57 25.26 8.80
CA HIS A 614 -3.34 26.50 8.68
C HIS A 614 -4.82 26.20 8.55
N ILE A 615 -5.16 25.17 7.76
CA ILE A 615 -6.56 24.75 7.65
C ILE A 615 -7.10 24.29 9.00
N CYS A 616 -6.32 23.49 9.72
CA CYS A 616 -6.75 22.97 11.02
C CYS A 616 -6.79 24.04 12.10
N SER A 617 -6.16 25.19 11.88
CA SER A 617 -6.10 26.20 12.93
C SER A 617 -7.45 26.88 13.14
N GLU A 618 -8.19 27.13 12.06
CA GLU A 618 -9.42 27.91 12.13
C GLU A 618 -10.54 27.04 12.70
N HIS A 619 -11.07 27.44 13.85
CA HIS A 619 -12.21 26.76 14.43
C HIS A 619 -13.51 27.16 13.73
N PHE A 620 -14.48 26.26 13.77
CA PHE A 620 -15.79 26.52 13.20
C PHE A 620 -16.90 26.20 14.20
N ASP A 645 -20.34 20.29 9.96
CA ASP A 645 -20.81 20.84 8.70
C ASP A 645 -19.72 21.67 8.02
N MET A 646 -19.43 22.83 8.62
CA MET A 646 -18.45 23.73 8.04
C MET A 646 -17.03 23.18 8.13
N GLY A 647 -16.73 22.43 9.19
CA GLY A 647 -15.38 21.95 9.40
C GLY A 647 -15.12 20.52 9.01
N ALA A 648 -15.78 20.05 7.95
CA ALA A 648 -15.56 18.68 7.48
C ALA A 648 -14.14 18.48 6.98
N HIS A 649 -13.61 19.46 6.25
CA HIS A 649 -12.29 19.31 5.64
C HIS A 649 -11.17 19.33 6.65
N GLN A 650 -11.43 19.73 7.90
CA GLN A 650 -10.40 19.73 8.92
C GLN A 650 -9.91 18.32 9.23
N GLY A 651 -10.83 17.35 9.28
CA GLY A 651 -10.41 15.96 9.46
C GLY A 651 -9.56 15.46 8.32
N VAL A 652 -9.90 15.84 7.09
CA VAL A 652 -9.10 15.45 5.94
C VAL A 652 -7.71 16.08 6.02
N ALA A 653 -7.63 17.34 6.48
CA ALA A 653 -6.33 17.97 6.66
C ALA A 653 -5.50 17.24 7.71
N VAL A 654 -6.13 16.84 8.81
CA VAL A 654 -5.42 16.09 9.86
C VAL A 654 -4.90 14.77 9.29
N LEU A 655 -5.74 14.07 8.54
CA LEU A 655 -5.29 12.83 7.89
C LEU A 655 -4.18 13.10 6.90
N GLY A 656 -4.23 14.23 6.21
CA GLY A 656 -3.24 14.52 5.19
C GLY A 656 -1.88 14.88 5.77
N ILE A 657 -1.87 15.43 6.98
CA ILE A 657 -0.59 15.64 7.65
C ILE A 657 0.17 14.32 7.74
N ALA A 658 -0.50 13.27 8.18
CA ALA A 658 0.12 11.95 8.22
C ALA A 658 0.40 11.41 6.82
N LEU A 659 -0.54 11.60 5.90
CA LEU A 659 -0.35 11.07 4.55
C LEU A 659 0.85 11.69 3.84
N ILE A 660 1.24 12.90 4.24
CA ILE A 660 2.43 13.53 3.68
C ILE A 660 3.68 13.19 4.50
N ALA A 661 3.56 13.16 5.82
CA ALA A 661 4.71 12.91 6.68
C ALA A 661 5.11 11.44 6.73
N MET A 662 4.31 10.53 6.16
CA MET A 662 4.66 9.12 6.20
C MET A 662 5.88 8.76 5.37
N GLY A 663 6.38 9.70 4.55
CA GLY A 663 7.47 9.38 3.66
C GLY A 663 8.72 8.91 4.37
N GLU A 664 9.01 9.49 5.53
CA GLU A 664 10.23 9.17 6.26
C GLU A 664 10.04 9.41 7.75
N GLU A 665 10.97 8.89 8.54
CA GLU A 665 10.77 8.76 9.98
C GLU A 665 10.82 10.11 10.70
N ILE A 666 11.65 11.05 10.24
CA ILE A 666 11.74 12.35 10.89
C ILE A 666 10.40 13.06 10.84
N GLY A 667 9.82 13.14 9.64
CA GLY A 667 8.50 13.71 9.50
C GLY A 667 7.45 12.92 10.26
N ALA A 668 7.63 11.60 10.36
CA ALA A 668 6.68 10.77 11.09
C ALA A 668 6.62 11.16 12.56
N GLU A 669 7.78 11.23 13.22
CA GLU A 669 7.79 11.55 14.65
C GLU A 669 7.37 13.00 14.88
N MET A 670 7.81 13.91 14.02
CA MET A 670 7.36 15.29 14.14
C MET A 670 5.85 15.41 13.98
N ALA A 671 5.27 14.65 13.04
CA ALA A 671 3.83 14.64 12.91
C ALA A 671 3.15 13.98 14.11
N LEU A 672 3.83 13.05 14.78
CA LEU A 672 3.27 12.52 16.02
C LEU A 672 3.13 13.61 17.06
N ARG A 673 4.16 14.45 17.21
CA ARG A 673 4.05 15.58 18.13
C ARG A 673 2.94 16.53 17.70
N THR A 674 2.85 16.79 16.38
CA THR A 674 1.79 17.67 15.88
C THR A 674 0.41 17.08 16.15
N PHE A 675 0.26 15.77 16.02
CA PHE A 675 -1.02 15.12 16.30
C PHE A 675 -1.37 15.21 17.77
N GLY A 676 -0.37 15.09 18.65
CA GLY A 676 -0.62 15.34 20.05
C GLY A 676 -1.15 16.73 20.30
N HIS A 677 -0.55 17.73 19.67
CA HIS A 677 -1.05 19.10 19.81
C HIS A 677 -2.46 19.23 19.26
N LEU A 678 -2.74 18.62 18.11
CA LEU A 678 -4.07 18.70 17.52
C LEU A 678 -5.12 18.06 18.43
N LEU A 679 -4.79 16.90 19.00
CA LEU A 679 -5.69 16.25 19.95
C LEU A 679 -5.91 17.08 21.21
N ARG A 680 -4.89 17.80 21.68
CA ARG A 680 -5.04 18.65 22.85
C ARG A 680 -5.87 19.90 22.57
N TYR A 681 -5.68 20.55 21.43
CA TYR A 681 -6.30 21.83 21.16
C TYR A 681 -7.42 21.78 20.12
N GLY A 682 -7.63 20.66 19.46
CA GLY A 682 -8.53 20.63 18.33
C GLY A 682 -10.00 20.60 18.72
N GLU A 683 -10.82 21.00 17.75
CA GLU A 683 -12.27 20.85 17.86
C GLU A 683 -12.63 19.37 17.78
N PRO A 684 -13.84 18.98 18.23
CA PRO A 684 -14.17 17.55 18.19
C PRO A 684 -14.11 16.95 16.80
N THR A 685 -14.53 17.70 15.77
CA THR A 685 -14.34 17.23 14.40
C THR A 685 -12.87 17.18 14.03
N LEU A 686 -12.06 18.08 14.59
CA LEU A 686 -10.63 18.05 14.36
C LEU A 686 -9.99 16.82 14.99
N ARG A 687 -10.39 16.49 16.22
CA ARG A 687 -9.77 15.41 16.97
C ARG A 687 -10.35 14.04 16.66
N ARG A 688 -11.43 13.96 15.88
CA ARG A 688 -11.94 12.66 15.47
C ARG A 688 -11.08 12.02 14.39
N ALA A 689 -10.24 12.80 13.72
CA ALA A 689 -9.38 12.29 12.67
C ALA A 689 -7.95 12.03 13.12
N VAL A 690 -7.55 12.56 14.27
CA VAL A 690 -6.19 12.35 14.76
C VAL A 690 -5.87 10.87 14.97
N PRO A 691 -6.75 10.06 15.57
CA PRO A 691 -6.46 8.61 15.61
C PRO A 691 -6.30 8.00 14.23
N LEU A 692 -7.09 8.44 13.25
CA LEU A 692 -6.93 7.92 11.90
C LEU A 692 -5.59 8.29 11.30
N ALA A 693 -5.14 9.54 11.56
CA ALA A 693 -3.82 9.95 11.10
C ALA A 693 -2.73 9.12 11.78
N LEU A 694 -2.89 8.85 13.08
CA LEU A 694 -1.91 8.02 13.79
C LEU A 694 -1.87 6.62 13.21
N ALA A 695 -3.03 6.05 12.88
CA ALA A 695 -3.06 4.74 12.26
C ALA A 695 -2.40 4.75 10.90
N LEU A 696 -2.65 5.79 10.10
CA LEU A 696 -2.06 5.87 8.77
C LEU A 696 -0.54 5.99 8.85
N ILE A 697 -0.04 6.82 9.77
CA ILE A 697 1.39 7.09 9.82
C ILE A 697 2.18 5.93 10.44
N SER A 698 1.53 5.03 11.16
CA SER A 698 2.22 3.91 11.80
C SER A 698 1.43 2.63 11.64
N VAL A 699 0.90 2.39 10.44
CA VAL A 699 0.15 1.17 10.19
C VAL A 699 1.10 -0.01 10.22
N SER A 700 0.69 -1.07 10.94
CA SER A 700 1.48 -2.29 11.11
C SER A 700 2.82 -2.03 11.79
N ASN A 701 2.92 -0.92 12.52
CA ASN A 701 4.13 -0.55 13.26
C ASN A 701 3.72 -0.22 14.69
N PRO A 702 3.56 -1.23 15.54
CA PRO A 702 3.01 -1.00 16.89
C PRO A 702 4.03 -0.43 17.87
N ARG A 703 4.44 0.81 17.62
CA ARG A 703 5.35 1.47 18.54
C ARG A 703 4.61 1.85 19.82
N LEU A 704 5.36 1.85 20.93
CA LEU A 704 4.74 1.96 22.24
C LEU A 704 4.08 3.32 22.46
N ASN A 705 4.72 4.40 22.00
CA ASN A 705 4.17 5.73 22.26
C ASN A 705 2.82 5.92 21.58
N ILE A 706 2.71 5.50 20.32
CA ILE A 706 1.44 5.64 19.61
C ILE A 706 0.37 4.76 20.22
N LEU A 707 0.72 3.54 20.61
CA LEU A 707 -0.26 2.65 21.24
C LEU A 707 -0.75 3.24 22.55
N ASP A 708 0.15 3.81 23.35
CA ASP A 708 -0.27 4.45 24.60
C ASP A 708 -1.15 5.65 24.33
N THR A 709 -0.80 6.47 23.33
CA THR A 709 -1.61 7.63 23.00
C THR A 709 -3.02 7.22 22.59
N LEU A 710 -3.12 6.18 21.76
CA LEU A 710 -4.43 5.70 21.34
C LEU A 710 -5.20 5.04 22.48
N SER A 711 -4.49 4.37 23.40
CA SER A 711 -5.16 3.75 24.53
C SER A 711 -5.71 4.79 25.49
N LYS A 712 -5.03 5.94 25.61
CA LYS A 712 -5.55 7.02 26.44
C LYS A 712 -6.90 7.51 25.93
N PHE A 713 -7.05 7.63 24.61
CA PHE A 713 -8.27 8.15 24.01
C PHE A 713 -9.23 7.05 23.59
N SER A 714 -8.92 5.78 23.86
CA SER A 714 -9.85 4.72 23.53
C SER A 714 -11.16 4.85 24.31
N HIS A 715 -11.06 5.10 25.61
CA HIS A 715 -12.25 5.34 26.44
C HIS A 715 -12.46 6.85 26.61
N ASP A 716 -12.89 7.48 25.53
CA ASP A 716 -13.12 8.92 25.49
C ASP A 716 -14.61 9.22 25.53
N ALA A 717 -14.93 10.45 25.96
CA ALA A 717 -16.33 10.85 26.07
C ALA A 717 -17.01 10.89 24.72
N ASP A 718 -16.34 11.43 23.71
CA ASP A 718 -16.90 11.48 22.37
C ASP A 718 -16.90 10.08 21.77
N PRO A 719 -18.06 9.53 21.39
CA PRO A 719 -18.06 8.16 20.83
C PRO A 719 -17.24 8.01 19.56
N GLU A 720 -17.27 9.01 18.68
CA GLU A 720 -16.58 8.88 17.40
C GLU A 720 -15.07 8.81 17.57
N VAL A 721 -14.51 9.65 18.44
CA VAL A 721 -13.07 9.58 18.67
C VAL A 721 -12.70 8.28 19.36
N SER A 722 -13.60 7.74 20.19
CA SER A 722 -13.34 6.44 20.80
C SER A 722 -13.29 5.33 19.75
N TYR A 723 -14.26 5.32 18.82
CA TYR A 723 -14.24 4.33 17.75
C TYR A 723 -12.98 4.46 16.92
N ASN A 724 -12.62 5.69 16.54
CA ASN A 724 -11.43 5.91 15.73
C ASN A 724 -10.17 5.49 16.48
N SER A 725 -10.10 5.77 17.77
CA SER A 725 -8.93 5.38 18.55
C SER A 725 -8.80 3.87 18.64
N ILE A 726 -9.91 3.17 18.85
CA ILE A 726 -9.87 1.72 18.93
C ILE A 726 -9.46 1.11 17.59
N PHE A 727 -10.06 1.61 16.50
CA PHE A 727 -9.70 1.09 15.19
C PHE A 727 -8.25 1.43 14.85
N ALA A 728 -7.75 2.57 15.36
CA ALA A 728 -6.35 2.92 15.13
C ALA A 728 -5.43 2.04 15.96
N MET A 729 -5.85 1.62 17.15
CA MET A 729 -5.09 0.62 17.89
C MET A 729 -5.00 -0.67 17.09
N GLY A 730 -6.11 -1.06 16.46
CA GLY A 730 -6.08 -2.24 15.61
C GLY A 730 -5.19 -2.08 14.40
N MET A 731 -5.27 -0.92 13.75
CA MET A 731 -4.52 -0.68 12.51
C MET A 731 -3.03 -0.57 12.77
N VAL A 732 -2.65 0.09 13.87
CA VAL A 732 -1.24 0.31 14.17
C VAL A 732 -0.53 -1.02 14.41
N GLY A 733 -1.19 -1.94 15.10
CA GLY A 733 -0.62 -3.25 15.33
C GLY A 733 -1.19 -4.31 14.41
N SER A 734 -1.68 -3.90 13.25
CA SER A 734 -2.31 -4.83 12.33
C SER A 734 -1.30 -5.85 11.80
N GLY A 735 -1.63 -7.13 11.98
CA GLY A 735 -0.78 -8.19 11.49
C GLY A 735 0.48 -8.43 12.30
N THR A 736 0.61 -7.80 13.46
CA THR A 736 1.82 -7.94 14.27
C THR A 736 1.69 -9.00 15.36
N ASN A 737 0.48 -9.44 15.67
CA ASN A 737 0.25 -10.43 16.74
C ASN A 737 0.82 -9.93 18.07
N ASN A 738 0.71 -8.63 18.30
CA ASN A 738 1.30 -8.02 19.48
C ASN A 738 0.56 -8.51 20.73
N ALA A 739 1.30 -9.16 21.64
CA ALA A 739 0.67 -9.66 22.86
C ALA A 739 0.15 -8.53 23.73
N ARG A 740 0.94 -7.46 23.88
CA ARG A 740 0.50 -6.33 24.69
C ARG A 740 -0.73 -5.66 24.10
N LEU A 741 -0.74 -5.46 22.79
CA LEU A 741 -1.89 -4.85 22.14
C LEU A 741 -3.12 -5.73 22.27
N ALA A 742 -2.95 -7.05 22.16
CA ALA A 742 -4.05 -7.96 22.38
C ALA A 742 -4.58 -7.87 23.81
N ALA A 743 -3.68 -7.71 24.79
CA ALA A 743 -4.12 -7.52 26.17
C ALA A 743 -4.94 -6.25 26.33
N MET A 744 -4.47 -5.14 25.73
CA MET A 744 -5.23 -3.89 25.80
C MET A 744 -6.59 -4.05 25.15
N LEU A 745 -6.65 -4.74 24.01
CA LEU A 745 -7.93 -4.91 23.33
C LEU A 745 -8.88 -5.78 24.13
N ARG A 746 -8.36 -6.82 24.78
CA ARG A 746 -9.20 -7.64 25.64
C ARG A 746 -9.73 -6.84 26.83
N GLN A 747 -8.88 -6.02 27.44
CA GLN A 747 -9.34 -5.16 28.52
C GLN A 747 -10.40 -4.19 28.03
N LEU A 748 -10.22 -3.64 26.82
CA LEU A 748 -11.23 -2.76 26.25
C LEU A 748 -12.54 -3.49 26.00
N ALA A 749 -12.47 -4.73 25.51
CA ALA A 749 -13.68 -5.51 25.31
C ALA A 749 -14.41 -5.74 26.63
N GLN A 750 -13.66 -5.96 27.70
CA GLN A 750 -14.28 -6.00 29.02
C GLN A 750 -14.93 -4.67 29.37
N TYR A 751 -14.23 -3.57 29.07
CA TYR A 751 -14.75 -2.25 29.42
C TYR A 751 -15.96 -1.89 28.55
N HIS A 752 -15.86 -2.17 27.24
CA HIS A 752 -16.90 -1.78 26.29
C HIS A 752 -17.92 -2.89 26.04
N ALA A 753 -18.17 -3.74 27.03
CA ALA A 753 -19.10 -4.84 26.83
C ALA A 753 -20.51 -4.34 26.60
N LYS A 754 -20.93 -3.29 27.31
CA LYS A 754 -22.29 -2.80 27.23
C LYS A 754 -22.50 -1.83 26.07
N ASP A 755 -21.45 -1.44 25.35
CA ASP A 755 -21.58 -0.52 24.23
C ASP A 755 -21.42 -1.29 22.93
N PRO A 756 -22.49 -1.48 22.15
CA PRO A 756 -22.36 -2.27 20.92
C PRO A 756 -21.37 -1.70 19.92
N ASN A 757 -21.35 -0.38 19.74
CA ASN A 757 -20.46 0.22 18.76
C ASN A 757 -19.00 0.08 19.17
N ASN A 758 -18.70 0.41 20.44
CA ASN A 758 -17.34 0.29 20.92
C ASN A 758 -16.89 -1.17 20.94
N LEU A 759 -17.80 -2.09 21.28
CA LEU A 759 -17.45 -3.51 21.26
C LEU A 759 -17.17 -3.98 19.83
N PHE A 760 -17.96 -3.51 18.87
CA PHE A 760 -17.70 -3.84 17.47
C PHE A 760 -16.34 -3.33 17.03
N MET A 761 -16.00 -2.10 17.41
CA MET A 761 -14.69 -1.56 17.06
C MET A 761 -13.58 -2.35 17.73
N VAL A 762 -13.79 -2.78 18.98
CA VAL A 762 -12.78 -3.56 19.68
C VAL A 762 -12.56 -4.90 19.00
N ARG A 763 -13.65 -5.56 18.59
CA ARG A 763 -13.51 -6.82 17.87
C ARG A 763 -12.80 -6.61 16.54
N LEU A 764 -13.11 -5.52 15.85
CA LEU A 764 -12.41 -5.21 14.60
C LEU A 764 -10.92 -5.03 14.83
N ALA A 765 -10.55 -4.31 15.89
CA ALA A 765 -9.14 -4.11 16.23
C ALA A 765 -8.48 -5.44 16.57
N GLN A 766 -9.17 -6.30 17.31
CA GLN A 766 -8.60 -7.61 17.64
C GLN A 766 -8.39 -8.44 16.39
N GLY A 767 -9.33 -8.39 15.45
CA GLY A 767 -9.13 -9.10 14.19
C GLY A 767 -7.95 -8.57 13.41
N LEU A 768 -7.80 -7.25 13.37
CA LEU A 768 -6.68 -6.66 12.64
C LEU A 768 -5.35 -7.01 13.29
N THR A 769 -5.29 -7.03 14.63
CA THR A 769 -4.03 -7.30 15.32
C THR A 769 -3.46 -8.66 14.94
N HIS A 770 -4.33 -9.65 14.74
CA HIS A 770 -3.92 -10.99 14.33
C HIS A 770 -4.17 -11.23 12.85
N LEU A 771 -3.99 -10.20 12.02
CA LEU A 771 -4.21 -10.35 10.60
C LEU A 771 -3.26 -11.38 10.00
N GLY A 772 -3.81 -12.30 9.22
CA GLY A 772 -3.00 -13.34 8.61
C GLY A 772 -2.22 -14.17 9.60
N LYS A 773 -2.70 -14.27 10.84
CA LYS A 773 -1.99 -14.97 11.92
C LYS A 773 -0.59 -14.41 12.09
N GLY A 774 -0.45 -13.10 11.92
CA GLY A 774 0.81 -12.42 12.12
C GLY A 774 1.76 -12.47 10.95
N THR A 775 1.32 -12.91 9.78
CA THR A 775 2.17 -13.03 8.61
C THR A 775 1.91 -11.96 7.55
N LEU A 776 0.96 -11.06 7.79
CA LEU A 776 0.61 -10.04 6.83
C LEU A 776 0.87 -8.66 7.42
N THR A 777 1.14 -7.70 6.55
CA THR A 777 1.34 -6.32 6.95
C THR A 777 0.54 -5.41 6.02
N LEU A 778 0.04 -4.31 6.58
CA LEU A 778 -0.68 -3.30 5.83
C LEU A 778 0.18 -2.07 5.55
N CYS A 779 1.45 -2.11 5.90
CA CYS A 779 2.32 -0.97 5.68
C CYS A 779 2.52 -0.74 4.19
N PRO A 780 2.31 0.49 3.68
CA PRO A 780 2.45 0.73 2.25
C PRO A 780 3.89 0.88 1.78
N TYR A 781 4.87 0.79 2.67
CA TYR A 781 6.27 1.00 2.34
C TYR A 781 7.02 -0.32 2.42
N HIS A 782 7.68 -0.69 1.32
CA HIS A 782 8.52 -1.88 1.29
C HIS A 782 9.90 -1.53 0.75
N SER A 783 10.73 -2.55 0.53
CA SER A 783 12.11 -2.35 0.10
C SER A 783 12.85 -1.42 1.07
N ASP A 784 12.97 -1.88 2.31
CA ASP A 784 13.56 -1.11 3.39
C ASP A 784 12.78 0.19 3.63
N ARG A 785 11.47 0.12 3.47
CA ARG A 785 10.56 1.25 3.71
C ARG A 785 10.92 2.45 2.84
N GLN A 786 11.44 2.20 1.65
CA GLN A 786 11.81 3.26 0.73
C GLN A 786 10.90 3.35 -0.49
N LEU A 787 10.18 2.29 -0.82
CA LEU A 787 9.27 2.27 -1.95
C LEU A 787 7.83 2.32 -1.45
N MET A 788 7.05 3.26 -1.96
CA MET A 788 5.68 3.44 -1.55
C MET A 788 4.76 2.74 -2.53
N SER A 789 3.98 1.78 -2.04
CA SER A 789 3.03 1.05 -2.88
C SER A 789 1.77 1.89 -3.02
N GLN A 790 1.47 2.32 -4.25
CA GLN A 790 0.31 3.16 -4.47
C GLN A 790 -0.99 2.41 -4.20
N VAL A 791 -1.02 1.11 -4.47
CA VAL A 791 -2.21 0.30 -4.19
C VAL A 791 -2.48 0.26 -2.70
N ALA A 792 -1.45 0.03 -1.89
CA ALA A 792 -1.63 -0.01 -0.45
C ALA A 792 -2.09 1.33 0.09
N VAL A 793 -1.52 2.43 -0.39
CA VAL A 793 -1.96 3.75 0.04
C VAL A 793 -3.40 3.99 -0.37
N ALA A 794 -3.78 3.53 -1.57
CA ALA A 794 -5.16 3.68 -2.02
C ALA A 794 -6.12 2.94 -1.09
N GLY A 795 -5.79 1.70 -0.72
CA GLY A 795 -6.66 0.96 0.18
C GLY A 795 -6.75 1.57 1.56
N LEU A 796 -5.60 1.97 2.12
CA LEU A 796 -5.60 2.60 3.44
C LEU A 796 -6.40 3.89 3.43
N LEU A 797 -6.26 4.69 2.37
CA LEU A 797 -7.07 5.90 2.24
C LEU A 797 -8.54 5.59 2.12
N THR A 798 -8.89 4.58 1.32
CA THR A 798 -10.29 4.19 1.16
C THR A 798 -10.92 3.86 2.51
N VAL A 799 -10.17 3.16 3.36
CA VAL A 799 -10.71 2.83 4.68
C VAL A 799 -10.73 4.05 5.59
N LEU A 800 -9.63 4.79 5.66
CA LEU A 800 -9.48 5.82 6.68
C LEU A 800 -10.34 7.04 6.40
N VAL A 801 -10.40 7.49 5.15
CA VAL A 801 -11.26 8.62 4.80
C VAL A 801 -12.71 8.28 5.07
N SER A 802 -13.12 7.04 4.74
CA SER A 802 -14.45 6.59 5.08
C SER A 802 -14.67 6.55 6.60
N PHE A 803 -13.61 6.32 7.37
CA PHE A 803 -13.77 6.35 8.82
C PHE A 803 -14.05 7.74 9.37
N LEU A 804 -13.91 8.79 8.56
CA LEU A 804 -14.28 10.13 9.02
C LEU A 804 -15.78 10.24 9.29
N ASP A 805 -16.56 9.29 8.81
CA ASP A 805 -17.98 9.16 9.11
C ASP A 805 -18.26 7.77 9.65
N VAL A 806 -17.47 7.35 10.64
CA VAL A 806 -17.55 6.00 11.18
C VAL A 806 -18.95 5.69 11.70
N ARG A 807 -19.67 6.71 12.19
CA ARG A 807 -21.01 6.49 12.71
C ARG A 807 -21.96 5.99 11.63
N ASN A 808 -21.87 6.55 10.43
CA ASN A 808 -22.82 6.21 9.36
C ASN A 808 -22.27 5.24 8.34
N ILE A 809 -20.95 5.18 8.16
CA ILE A 809 -20.38 4.33 7.12
C ILE A 809 -19.96 3.00 7.70
N ILE A 810 -19.01 3.01 8.62
CA ILE A 810 -18.48 1.77 9.17
C ILE A 810 -19.49 1.12 10.09
N LEU A 811 -20.06 1.90 11.01
CA LEU A 811 -21.08 1.38 11.92
C LEU A 811 -22.45 1.31 11.28
N GLY A 812 -22.60 1.81 10.05
CA GLY A 812 -23.86 1.75 9.36
C GLY A 812 -23.95 0.56 8.42
N LYS A 813 -24.31 0.80 7.17
CA LYS A 813 -24.51 -0.24 6.18
C LYS A 813 -23.37 -0.37 5.19
N SER A 814 -22.24 0.29 5.44
CA SER A 814 -21.13 0.33 4.50
C SER A 814 -19.82 -0.13 5.13
N HIS A 815 -19.87 -1.13 6.02
CA HIS A 815 -18.66 -1.67 6.61
C HIS A 815 -17.83 -2.46 5.60
N TYR A 816 -18.40 -2.81 4.45
CA TYR A 816 -17.65 -3.53 3.42
C TYR A 816 -16.43 -2.76 2.95
N VAL A 817 -16.43 -1.44 3.15
CA VAL A 817 -15.29 -0.62 2.75
C VAL A 817 -14.04 -1.01 3.52
N LEU A 818 -14.18 -1.68 4.67
CA LEU A 818 -13.01 -2.19 5.37
C LEU A 818 -12.21 -3.15 4.51
N TYR A 819 -12.87 -3.84 3.58
CA TYR A 819 -12.17 -4.76 2.68
C TYR A 819 -11.23 -4.03 1.73
N GLY A 820 -11.30 -2.70 1.67
CA GLY A 820 -10.25 -1.96 0.98
C GLY A 820 -8.87 -2.24 1.54
N LEU A 821 -8.78 -2.65 2.81
CA LEU A 821 -7.50 -3.04 3.37
C LEU A 821 -6.88 -4.20 2.62
N VAL A 822 -7.69 -4.97 1.88
CA VAL A 822 -7.15 -6.05 1.05
C VAL A 822 -6.15 -5.50 0.05
N ALA A 823 -6.41 -4.31 -0.49
CA ALA A 823 -5.48 -3.70 -1.43
C ALA A 823 -4.13 -3.43 -0.77
N ALA A 824 -4.11 -3.24 0.54
CA ALA A 824 -2.88 -2.96 1.27
C ALA A 824 -2.29 -4.21 1.93
N MET A 825 -2.88 -5.38 1.70
CA MET A 825 -2.46 -6.60 2.36
C MET A 825 -1.28 -7.21 1.61
N GLN A 826 -0.10 -7.16 2.21
CA GLN A 826 1.10 -7.78 1.68
C GLN A 826 1.75 -8.61 2.78
N PRO A 827 2.46 -9.67 2.42
CA PRO A 827 3.10 -10.51 3.43
C PRO A 827 4.48 -10.00 3.82
N ARG A 828 4.74 -10.01 5.13
CA ARG A 828 6.07 -9.67 5.62
C ARG A 828 7.00 -10.82 5.30
N MET A 829 7.63 -10.76 4.13
CA MET A 829 8.16 -11.94 3.48
C MET A 829 9.69 -11.97 3.53
N LEU A 830 10.23 -13.19 3.56
CA LEU A 830 11.64 -13.42 3.26
C LEU A 830 11.77 -14.87 2.80
N VAL A 831 11.81 -15.06 1.47
CA VAL A 831 12.11 -16.34 0.86
C VAL A 831 13.41 -16.21 0.09
N THR A 832 14.29 -17.19 0.25
CA THR A 832 15.44 -17.34 -0.61
C THR A 832 15.17 -18.44 -1.62
N PHE A 833 15.29 -18.11 -2.90
CA PHE A 833 15.05 -19.04 -4.00
C PHE A 833 16.37 -19.33 -4.71
N ASP A 834 16.47 -20.53 -5.25
CA ASP A 834 17.60 -20.84 -6.12
C ASP A 834 17.38 -20.22 -7.50
N GLU A 835 18.25 -20.59 -8.44
CA GLU A 835 18.14 -20.07 -9.80
C GLU A 835 16.84 -20.53 -10.46
N GLU A 836 16.32 -21.68 -10.04
CA GLU A 836 15.10 -22.23 -10.61
C GLU A 836 13.87 -21.99 -9.74
N LEU A 837 13.91 -20.98 -8.88
CA LEU A 837 12.79 -20.51 -8.07
C LEU A 837 12.33 -21.52 -7.03
N ARG A 838 13.05 -22.60 -6.82
CA ARG A 838 12.66 -23.51 -5.75
C ARG A 838 13.12 -22.96 -4.40
N PRO A 839 12.38 -23.25 -3.33
CA PRO A 839 12.77 -22.73 -2.01
C PRO A 839 14.15 -23.23 -1.60
N LEU A 840 14.88 -22.34 -0.93
CA LEU A 840 16.26 -22.62 -0.51
C LEU A 840 16.43 -22.19 0.94
N PRO A 841 16.26 -23.10 1.89
CA PRO A 841 16.43 -22.72 3.30
C PRO A 841 17.86 -22.32 3.59
N VAL A 842 18.04 -21.08 4.04
CA VAL A 842 19.35 -20.53 4.33
C VAL A 842 19.31 -19.83 5.68
N SER A 843 20.47 -19.67 6.30
CA SER A 843 20.55 -19.03 7.60
C SER A 843 20.70 -17.53 7.44
N VAL A 844 19.85 -16.76 8.11
CA VAL A 844 19.87 -15.32 8.05
C VAL A 844 19.84 -14.76 9.46
N ARG A 845 20.30 -13.51 9.59
CA ARG A 845 20.28 -12.76 10.82
C ARG A 845 19.28 -11.64 10.66
N VAL A 846 18.29 -11.60 11.57
CA VAL A 846 17.20 -10.64 11.51
C VAL A 846 17.29 -9.76 12.75
N GLY A 847 17.27 -8.45 12.55
CA GLY A 847 17.34 -7.53 13.67
C GLY A 847 16.93 -6.14 13.22
N GLN A 848 16.76 -5.25 14.21
CA GLN A 848 16.29 -3.91 13.92
C GLN A 848 17.25 -3.19 12.99
N ALA A 849 16.69 -2.53 11.98
CA ALA A 849 17.51 -1.87 10.97
C ALA A 849 18.27 -0.69 11.57
N VAL A 850 19.52 -0.52 11.14
CA VAL A 850 20.39 0.55 11.63
C VAL A 850 20.85 1.36 10.44
N ASP A 851 20.77 2.69 10.57
CA ASP A 851 21.23 3.57 9.50
C ASP A 851 22.73 3.43 9.30
N VAL A 852 23.15 3.38 8.04
CA VAL A 852 24.54 3.17 7.70
C VAL A 852 25.20 4.41 7.11
N VAL A 853 24.43 5.30 6.48
CA VAL A 853 24.92 6.50 5.81
C VAL A 853 25.87 7.27 6.73
N GLY A 854 26.92 7.85 6.15
CA GLY A 854 27.84 8.64 6.94
C GLY A 854 29.10 7.89 7.35
N GLN A 855 29.09 7.35 8.57
CA GLN A 855 30.29 6.72 9.13
C GLN A 855 30.91 5.72 8.15
N ALA A 856 32.23 5.72 8.11
CA ALA A 856 32.99 4.95 7.13
C ALA A 856 33.07 3.49 7.56
N GLY A 857 33.91 2.72 6.86
CA GLY A 857 34.04 1.31 7.15
C GLY A 857 32.85 0.52 6.65
N LYS A 858 32.68 -0.67 7.24
CA LYS A 858 31.55 -1.55 6.94
C LYS A 858 30.78 -1.73 8.25
N PRO A 859 29.99 -0.74 8.64
CA PRO A 859 29.25 -0.84 9.91
C PRO A 859 28.15 -1.88 9.83
N LYS A 860 27.83 -2.44 10.99
CA LYS A 860 26.74 -3.40 11.07
C LYS A 860 25.41 -2.69 10.81
N THR A 861 24.61 -3.25 9.92
CA THR A 861 23.33 -2.65 9.55
C THR A 861 22.18 -3.09 10.45
N ILE A 862 22.42 -4.03 11.37
CA ILE A 862 21.39 -4.50 12.28
C ILE A 862 21.99 -4.60 13.69
N THR A 863 21.11 -4.51 14.68
CA THR A 863 21.50 -4.63 16.08
C THR A 863 20.48 -5.48 16.82
N GLY A 864 20.96 -6.24 17.80
CA GLY A 864 20.10 -7.13 18.57
C GLY A 864 19.43 -8.18 17.70
N PHE A 865 20.19 -8.78 16.80
CA PHE A 865 19.65 -9.70 15.82
C PHE A 865 19.68 -11.14 16.34
N GLN A 866 18.92 -12.00 15.67
CA GLN A 866 18.90 -13.43 15.94
C GLN A 866 18.95 -14.18 14.63
N THR A 867 19.44 -15.41 14.69
CA THR A 867 19.66 -16.24 13.51
C THR A 867 18.48 -17.20 13.32
N HIS A 868 17.86 -17.15 12.15
CA HIS A 868 16.78 -18.06 11.81
C HIS A 868 16.98 -18.60 10.39
N THR A 869 16.37 -19.74 10.12
CA THR A 869 16.28 -20.21 8.75
C THR A 869 15.38 -19.27 7.96
N THR A 870 15.65 -19.17 6.65
CA THR A 870 15.13 -18.05 5.87
C THR A 870 13.61 -17.89 5.86
N PRO A 871 12.77 -18.95 5.80
CA PRO A 871 11.32 -18.69 5.69
C PRO A 871 10.79 -18.07 6.97
N VAL A 872 11.12 -16.80 7.19
CA VAL A 872 10.83 -16.10 8.43
C VAL A 872 10.09 -14.80 8.11
N LEU A 873 9.37 -14.31 9.11
CA LEU A 873 8.59 -13.08 8.99
C LEU A 873 9.39 -11.92 9.56
N LEU A 874 9.43 -10.82 8.83
CA LEU A 874 10.15 -9.63 9.25
C LEU A 874 9.18 -8.62 9.84
N ALA A 875 9.42 -8.22 11.08
CA ALA A 875 8.63 -7.16 11.69
C ALA A 875 8.99 -5.83 11.06
N HIS A 876 8.15 -4.82 11.33
CA HIS A 876 8.39 -3.50 10.78
C HIS A 876 9.71 -2.94 11.31
N GLY A 877 10.51 -2.40 10.40
CA GLY A 877 11.81 -1.87 10.77
C GLY A 877 12.89 -2.91 11.01
N GLU A 878 12.62 -4.17 10.67
CA GLU A 878 13.58 -5.24 10.86
C GLU A 878 14.22 -5.59 9.53
N ARG A 879 15.54 -5.56 9.48
CA ARG A 879 16.31 -5.99 8.33
C ARG A 879 16.86 -7.38 8.54
N ALA A 880 17.19 -8.04 7.43
CA ALA A 880 17.77 -9.37 7.44
C ALA A 880 18.98 -9.40 6.54
N GLU A 881 20.03 -10.09 6.99
CA GLU A 881 21.25 -10.25 6.23
C GLU A 881 21.69 -11.70 6.25
N LEU A 882 22.29 -12.16 5.15
CA LEU A 882 22.77 -13.52 5.09
C LEU A 882 23.87 -13.74 6.12
N ALA A 883 23.64 -14.68 7.04
CA ALA A 883 24.59 -14.91 8.13
C ALA A 883 25.92 -15.41 7.59
N THR A 884 25.88 -16.31 6.61
CA THR A 884 27.10 -16.85 6.03
C THR A 884 27.39 -16.16 4.70
N GLU A 885 28.51 -16.53 4.09
CA GLU A 885 28.90 -16.03 2.77
C GLU A 885 28.75 -17.09 1.69
N GLU A 886 27.99 -18.15 1.98
CA GLU A 886 27.83 -19.23 1.01
C GLU A 886 27.04 -18.75 -0.21
N PHE A 887 26.06 -17.88 -0.01
CA PHE A 887 25.21 -17.40 -1.09
C PHE A 887 25.31 -15.88 -1.22
N LEU A 888 25.18 -15.42 -2.46
CA LEU A 888 25.11 -14.01 -2.77
C LEU A 888 23.69 -13.67 -3.22
N PRO A 889 23.00 -12.77 -2.53
CA PRO A 889 21.67 -12.38 -3.00
C PRO A 889 21.75 -11.58 -4.29
N VAL A 890 20.73 -11.75 -5.14
CA VAL A 890 20.69 -10.97 -6.37
C VAL A 890 20.40 -9.51 -6.05
N THR A 891 19.55 -9.25 -5.05
CA THR A 891 19.24 -7.89 -4.66
C THR A 891 19.80 -7.60 -3.26
N PRO A 892 20.29 -6.38 -3.03
CA PRO A 892 20.76 -6.04 -1.68
C PRO A 892 19.67 -6.11 -0.63
N ILE A 893 18.43 -5.80 -0.99
CA ILE A 893 17.34 -5.77 -0.02
C ILE A 893 16.83 -7.18 0.19
N LEU A 894 16.94 -7.67 1.42
CA LEU A 894 16.50 -9.02 1.76
C LEU A 894 15.07 -8.98 2.31
N GLU A 895 14.15 -8.60 1.43
CA GLU A 895 12.74 -8.57 1.76
C GLU A 895 11.96 -9.19 0.60
N GLY A 896 10.77 -9.70 0.91
CA GLY A 896 9.98 -10.35 -0.11
C GLY A 896 10.66 -11.63 -0.59
N PHE A 897 10.51 -11.91 -1.88
CA PHE A 897 11.14 -13.06 -2.49
C PHE A 897 12.53 -12.67 -2.96
N VAL A 898 13.55 -13.38 -2.47
CA VAL A 898 14.93 -13.11 -2.78
C VAL A 898 15.52 -14.34 -3.46
N ILE A 899 16.34 -14.12 -4.48
CA ILE A 899 17.03 -15.19 -5.18
C ILE A 899 18.48 -15.18 -4.77
N LEU A 900 19.01 -16.36 -4.42
CA LEU A 900 20.40 -16.49 -4.00
C LEU A 900 21.18 -17.27 -5.05
N ARG A 901 22.44 -16.86 -5.26
CA ARG A 901 23.34 -17.56 -6.17
C ARG A 901 24.51 -18.13 -5.37
N LYS A 902 25.07 -19.22 -5.86
CA LYS A 902 26.20 -19.83 -5.18
C LYS A 902 27.42 -18.94 -5.28
N ASN A 903 28.05 -18.67 -4.14
CA ASN A 903 29.22 -17.79 -4.10
C ASN A 903 30.46 -18.58 -4.51
N PRO A 904 31.13 -18.23 -5.61
CA PRO A 904 32.37 -18.94 -5.97
C PRO A 904 33.46 -18.83 -4.92
N ASN A 905 33.55 -17.70 -4.22
CA ASN A 905 34.59 -17.52 -3.22
C ASN A 905 34.41 -18.48 -2.06
N TYR A 906 33.17 -18.71 -1.64
CA TYR A 906 32.90 -19.65 -0.56
C TYR A 906 33.32 -21.06 -0.97
N ASP A 907 33.89 -21.80 -0.01
CA ASP A 907 34.43 -23.14 -0.25
C ASP A 907 35.45 -23.12 -1.38
N LEU A 908 36.34 -22.13 -1.33
CA LEU A 908 37.36 -21.96 -2.36
C LEU A 908 38.32 -23.15 -2.38
N THR B 79 -5.91 -20.50 -38.77
CA THR B 79 -5.81 -21.19 -40.05
C THR B 79 -6.96 -22.18 -40.22
N THR B 80 -7.46 -22.31 -41.45
CA THR B 80 -8.52 -23.23 -41.85
C THR B 80 -9.61 -23.37 -40.77
N GLY B 81 -10.03 -22.22 -40.25
CA GLY B 81 -11.05 -22.21 -39.23
C GLY B 81 -10.65 -22.88 -37.93
N ILE B 82 -9.34 -23.00 -37.69
CA ILE B 82 -8.82 -23.61 -36.47
C ILE B 82 -8.38 -22.50 -35.53
N ALA B 83 -8.98 -22.45 -34.35
CA ALA B 83 -8.58 -21.52 -33.31
C ALA B 83 -7.99 -22.32 -32.16
N THR B 84 -6.76 -21.98 -31.76
CA THR B 84 -6.12 -22.66 -30.64
C THR B 84 -6.36 -21.84 -29.38
N ILE B 85 -7.41 -22.17 -28.64
CA ILE B 85 -7.68 -21.52 -27.37
C ILE B 85 -6.55 -21.82 -26.40
N GLU B 86 -6.14 -20.79 -25.65
CA GLU B 86 -5.08 -20.91 -24.65
C GLU B 86 -5.78 -21.17 -23.32
N VAL B 87 -5.83 -22.44 -22.93
CA VAL B 87 -6.55 -22.84 -21.73
C VAL B 87 -5.62 -22.78 -20.53
N PHE B 88 -6.12 -22.22 -19.44
CA PHE B 88 -5.40 -22.09 -18.18
C PHE B 88 -6.10 -22.99 -17.15
N LEU B 89 -5.46 -24.10 -16.81
CA LEU B 89 -6.02 -25.07 -15.90
C LEU B 89 -5.74 -24.67 -14.45
N PRO B 90 -6.55 -25.16 -13.49
CA PRO B 90 -6.27 -24.89 -12.09
C PRO B 90 -4.97 -25.54 -11.67
N PRO B 91 -4.24 -24.94 -10.71
CA PRO B 91 -2.98 -25.55 -10.27
C PRO B 91 -3.15 -26.79 -9.43
N ARG B 92 -4.35 -27.06 -8.91
CA ARG B 92 -4.55 -28.27 -8.11
C ARG B 92 -4.31 -29.51 -8.95
N LEU B 93 -4.80 -29.52 -10.19
CA LEU B 93 -4.38 -30.53 -11.16
C LEU B 93 -2.96 -30.21 -11.58
N LYS B 94 -2.00 -30.99 -11.10
CA LYS B 94 -0.60 -30.70 -11.35
C LYS B 94 -0.23 -31.05 -12.80
N LYS B 95 -0.63 -30.17 -13.72
CA LYS B 95 -0.34 -30.35 -15.14
C LYS B 95 0.36 -29.11 -15.67
N ASP B 96 0.53 -29.01 -16.99
CA ASP B 96 1.10 -27.81 -17.58
C ASP B 96 0.17 -26.64 -17.34
N ARG B 97 0.74 -25.50 -16.94
CA ARG B 97 -0.08 -24.36 -16.54
C ARG B 97 -0.87 -23.81 -17.71
N LYS B 98 -0.27 -23.77 -18.89
CA LYS B 98 -0.89 -23.24 -20.10
C LYS B 98 -0.94 -24.35 -21.15
N ASN B 99 -2.13 -24.65 -21.66
CA ASN B 99 -2.31 -25.72 -22.64
C ASN B 99 -3.00 -25.17 -23.88
N LEU B 100 -2.49 -25.54 -25.05
CA LEU B 100 -3.15 -25.17 -26.29
C LEU B 100 -4.23 -26.19 -26.63
N LEU B 101 -5.35 -25.69 -27.15
CA LEU B 101 -6.46 -26.58 -27.51
C LEU B 101 -7.10 -26.04 -28.79
N GLU B 102 -6.92 -26.74 -29.90
CA GLU B 102 -7.46 -26.30 -31.18
C GLU B 102 -8.91 -26.76 -31.33
N THR B 103 -9.73 -25.90 -31.93
CA THR B 103 -11.15 -26.20 -32.12
C THR B 103 -11.71 -25.32 -33.23
N ARG B 104 -12.91 -25.70 -33.69
CA ARG B 104 -13.71 -24.91 -34.62
C ARG B 104 -14.51 -23.86 -33.86
N LEU B 105 -15.05 -22.88 -34.61
CA LEU B 105 -15.66 -21.72 -33.99
C LEU B 105 -17.18 -21.74 -33.92
N HIS B 106 -17.87 -22.51 -34.78
CA HIS B 106 -19.33 -22.50 -34.70
C HIS B 106 -19.88 -23.53 -33.74
N ILE B 107 -19.02 -24.32 -33.08
CA ILE B 107 -19.48 -25.24 -32.07
C ILE B 107 -19.99 -24.48 -30.84
N THR B 108 -20.99 -25.05 -30.17
CA THR B 108 -21.70 -24.37 -29.10
C THR B 108 -20.90 -24.45 -27.79
N GLY B 109 -21.26 -23.57 -26.85
CA GLY B 109 -20.51 -23.49 -25.60
C GLY B 109 -20.51 -24.77 -24.82
N ARG B 110 -21.63 -25.51 -24.85
CA ARG B 110 -21.67 -26.82 -24.20
C ARG B 110 -20.67 -27.77 -24.82
N GLU B 111 -20.54 -27.74 -26.15
CA GLU B 111 -19.56 -28.60 -26.81
C GLU B 111 -18.15 -28.25 -26.38
N LEU B 112 -17.82 -26.95 -26.32
CA LEU B 112 -16.50 -26.52 -25.89
C LEU B 112 -16.22 -26.94 -24.46
N ARG B 113 -17.20 -26.77 -23.58
CA ARG B 113 -17.06 -27.21 -22.19
C ARG B 113 -16.79 -28.70 -22.12
N SER B 114 -17.55 -29.50 -22.87
CA SER B 114 -17.35 -30.94 -22.88
C SER B 114 -15.97 -31.30 -23.41
N LYS B 115 -15.50 -30.60 -24.45
CA LYS B 115 -14.19 -30.90 -25.00
C LYS B 115 -13.08 -30.64 -23.98
N ILE B 116 -13.06 -29.45 -23.38
CA ILE B 116 -12.02 -29.20 -22.39
C ILE B 116 -12.17 -30.13 -21.20
N ALA B 117 -13.38 -30.58 -20.91
CA ALA B 117 -13.56 -31.57 -19.85
C ALA B 117 -12.90 -32.89 -20.20
N GLU B 118 -13.05 -33.33 -21.46
CA GLU B 118 -12.59 -34.67 -21.81
C GLU B 118 -11.09 -34.72 -22.10
N THR B 119 -10.54 -33.75 -22.83
CA THR B 119 -9.14 -33.87 -23.23
C THR B 119 -8.20 -33.63 -22.05
N PHE B 120 -8.58 -32.72 -21.15
CA PHE B 120 -7.79 -32.45 -19.95
C PHE B 120 -8.28 -33.21 -18.74
N GLY B 121 -9.29 -34.07 -18.90
CA GLY B 121 -9.72 -34.94 -17.82
C GLY B 121 -10.41 -34.23 -16.67
N LEU B 122 -11.57 -33.63 -16.93
CA LEU B 122 -12.38 -33.01 -15.89
C LEU B 122 -13.83 -33.37 -16.11
N GLN B 123 -14.63 -33.22 -15.06
CA GLN B 123 -16.06 -33.46 -15.18
C GLN B 123 -16.72 -32.33 -15.95
N GLU B 124 -17.56 -32.69 -16.93
CA GLU B 124 -18.12 -31.69 -17.82
C GLU B 124 -19.02 -30.70 -17.08
N ASN B 125 -19.83 -31.20 -16.15
CA ASN B 125 -20.78 -30.37 -15.44
C ASN B 125 -20.22 -29.79 -14.15
N TYR B 126 -18.94 -30.02 -13.86
CA TYR B 126 -18.36 -29.57 -12.60
C TYR B 126 -17.30 -28.48 -12.79
N ILE B 127 -17.21 -27.87 -13.97
CA ILE B 127 -16.27 -26.79 -14.22
C ILE B 127 -16.95 -25.65 -14.97
N LYS B 128 -16.32 -24.48 -14.90
CA LYS B 128 -16.80 -23.27 -15.53
C LYS B 128 -15.68 -22.64 -16.36
N ILE B 129 -16.02 -22.18 -17.56
CA ILE B 129 -15.05 -21.61 -18.49
C ILE B 129 -15.21 -20.10 -18.49
N VAL B 130 -14.10 -19.39 -18.27
CA VAL B 130 -14.04 -17.95 -18.44
C VAL B 130 -13.28 -17.69 -19.74
N ILE B 131 -13.97 -17.14 -20.74
CA ILE B 131 -13.43 -17.04 -22.09
C ILE B 131 -13.46 -15.58 -22.53
N ASN B 132 -12.33 -15.11 -23.05
CA ASN B 132 -12.20 -13.76 -23.61
C ASN B 132 -12.63 -12.70 -22.59
N LYS B 133 -12.15 -12.84 -21.36
CA LYS B 133 -12.48 -11.97 -20.24
C LYS B 133 -13.96 -11.97 -19.91
N LYS B 134 -14.72 -12.93 -20.41
CA LYS B 134 -16.14 -13.01 -20.13
C LYS B 134 -16.51 -14.41 -19.66
N GLN B 135 -17.80 -14.68 -19.51
CA GLN B 135 -18.29 -16.00 -19.14
C GLN B 135 -18.70 -16.76 -20.39
N LEU B 136 -18.44 -18.06 -20.39
CA LEU B 136 -18.83 -18.91 -21.51
C LEU B 136 -20.36 -19.05 -21.53
N GLN B 137 -20.98 -18.62 -22.61
CA GLN B 137 -22.43 -18.77 -22.78
C GLN B 137 -22.68 -20.15 -23.35
N LEU B 138 -23.18 -21.06 -22.51
CA LEU B 138 -23.38 -22.44 -22.94
C LEU B 138 -24.41 -22.53 -24.05
N GLY B 139 -25.52 -21.82 -23.92
CA GLY B 139 -26.57 -21.91 -24.92
C GLY B 139 -26.14 -21.37 -26.27
N LYS B 140 -25.39 -20.27 -26.28
CA LYS B 140 -24.98 -19.62 -27.50
C LYS B 140 -23.72 -20.28 -28.07
N THR B 141 -23.58 -20.19 -29.39
CA THR B 141 -22.40 -20.72 -30.05
C THR B 141 -21.18 -19.83 -29.77
N LEU B 142 -19.99 -20.36 -30.05
CA LEU B 142 -18.77 -19.64 -29.74
C LEU B 142 -18.65 -18.36 -30.56
N GLU B 143 -19.06 -18.40 -31.83
CA GLU B 143 -18.86 -17.25 -32.71
C GLU B 143 -19.60 -16.01 -32.19
N GLU B 144 -20.84 -16.18 -31.73
CA GLU B 144 -21.61 -15.03 -31.27
C GLU B 144 -21.12 -14.48 -29.93
N GLN B 145 -20.26 -15.21 -29.22
CA GLN B 145 -19.64 -14.68 -28.01
C GLN B 145 -18.44 -13.79 -28.30
N GLY B 146 -18.00 -13.72 -29.55
CA GLY B 146 -16.88 -12.89 -29.91
C GLY B 146 -15.51 -13.51 -29.74
N VAL B 147 -15.44 -14.85 -29.64
CA VAL B 147 -14.13 -15.49 -29.52
C VAL B 147 -13.38 -15.37 -30.83
N ALA B 148 -12.06 -15.56 -30.76
CA ALA B 148 -11.19 -15.37 -31.92
C ALA B 148 -9.95 -16.24 -31.72
N HIS B 149 -8.91 -15.94 -32.49
CA HIS B 149 -7.66 -16.69 -32.41
C HIS B 149 -6.88 -16.29 -31.15
N ASN B 150 -6.21 -17.27 -30.56
CA ASN B 150 -5.28 -17.07 -29.45
C ASN B 150 -5.93 -16.45 -28.22
N VAL B 151 -7.25 -16.55 -28.09
CA VAL B 151 -7.92 -16.05 -26.90
C VAL B 151 -7.71 -17.02 -25.74
N LYS B 152 -7.78 -16.50 -24.52
CA LYS B 152 -7.50 -17.26 -23.32
C LYS B 152 -8.78 -17.70 -22.63
N ALA B 153 -8.77 -18.92 -22.09
CA ALA B 153 -9.91 -19.49 -21.40
C ALA B 153 -9.42 -20.13 -20.12
N MET B 154 -9.88 -19.62 -18.98
CA MET B 154 -9.50 -20.14 -17.67
C MET B 154 -10.56 -21.13 -17.20
N VAL B 155 -10.12 -22.27 -16.68
CA VAL B 155 -11.02 -23.32 -16.20
C VAL B 155 -11.09 -23.23 -14.69
N LEU B 156 -12.29 -23.11 -14.16
CA LEU B 156 -12.52 -23.02 -12.72
C LEU B 156 -13.28 -24.26 -12.27
N GLU B 157 -12.73 -24.97 -11.28
CA GLU B 157 -13.44 -26.11 -10.75
C GLU B 157 -14.56 -25.67 -9.83
N LEU B 158 -15.54 -26.55 -9.64
CA LEU B 158 -16.72 -26.26 -8.85
C LEU B 158 -16.85 -27.30 -7.74
N LYS B 159 -17.18 -26.82 -6.53
CA LYS B 159 -17.49 -27.75 -5.45
C LYS B 159 -18.82 -28.46 -5.70
N GLN B 160 -19.79 -27.74 -6.25
CA GLN B 160 -21.08 -28.30 -6.61
C GLN B 160 -21.39 -27.98 -8.06
N SER B 161 -22.07 -28.89 -8.74
CA SER B 161 -22.40 -28.68 -10.14
C SER B 161 -23.39 -27.52 -10.27
N GLU B 162 -23.48 -26.99 -11.50
CA GLU B 162 -24.22 -25.75 -11.70
C GLU B 162 -25.73 -25.94 -11.52
N GLU B 163 -26.23 -27.18 -11.63
CA GLU B 163 -27.67 -27.37 -11.55
C GLU B 163 -28.15 -27.79 -10.17
N ASP B 164 -27.35 -28.53 -9.40
CA ASP B 164 -27.78 -28.94 -8.08
C ASP B 164 -27.40 -27.94 -7.00
N ALA B 165 -26.45 -27.04 -7.30
CA ALA B 165 -26.09 -25.99 -6.34
C ALA B 165 -27.28 -25.09 -6.06
N ARG B 166 -28.00 -24.68 -7.11
CA ARG B 166 -29.20 -23.87 -6.92
C ARG B 166 -30.23 -24.63 -6.11
N LYS B 167 -30.37 -25.94 -6.36
CA LYS B 167 -31.35 -26.74 -5.62
C LYS B 167 -31.03 -26.77 -4.13
N ASN B 168 -29.79 -27.10 -3.77
CA ASN B 168 -29.48 -27.22 -2.36
C ASN B 168 -29.46 -25.86 -1.67
N PHE B 169 -29.15 -24.79 -2.42
CA PHE B 169 -29.23 -23.46 -1.82
C PHE B 169 -30.68 -23.04 -1.63
N GLN B 170 -31.57 -23.46 -2.52
CA GLN B 170 -33.00 -23.22 -2.31
C GLN B 170 -33.49 -23.99 -1.09
N LEU B 171 -32.98 -25.20 -0.89
CA LEU B 171 -33.27 -25.93 0.35
C LEU B 171 -32.72 -25.18 1.56
N GLU B 172 -31.55 -24.57 1.42
CA GLU B 172 -30.94 -23.78 2.49
C GLU B 172 -31.53 -22.36 2.48
N GLU B 173 -32.80 -22.29 2.86
CA GLU B 173 -33.52 -21.02 2.91
C GLU B 173 -34.13 -20.81 4.29
N SER C 39 33.29 20.39 7.06
CA SER C 39 32.61 21.17 8.09
C SER C 39 32.09 22.49 7.52
N THR C 40 31.77 22.48 6.23
CA THR C 40 31.23 23.69 5.60
C THR C 40 29.86 24.04 6.13
N TYR C 41 29.12 23.06 6.65
CA TYR C 41 27.81 23.29 7.24
C TYR C 41 27.85 23.38 8.75
N SER C 42 29.05 23.46 9.34
CA SER C 42 29.16 23.47 10.80
C SER C 42 28.44 24.66 11.40
N ARG C 43 28.63 25.86 10.83
CA ARG C 43 27.92 27.02 11.34
C ARG C 43 26.42 26.92 11.08
N GLN C 44 26.03 26.41 9.91
CA GLN C 44 24.61 26.22 9.62
C GLN C 44 23.98 25.19 10.55
N ILE C 45 24.67 24.08 10.78
CA ILE C 45 24.15 23.04 11.68
C ILE C 45 24.04 23.58 13.10
N LYS C 46 25.05 24.34 13.55
CA LYS C 46 24.99 24.91 14.90
C LYS C 46 23.84 25.88 15.03
N GLN C 47 23.65 26.75 14.03
CA GLN C 47 22.54 27.71 14.08
C GLN C 47 21.20 26.99 14.08
N VAL C 48 21.05 25.95 13.26
CA VAL C 48 19.79 25.22 13.20
C VAL C 48 19.54 24.50 14.51
N GLU C 49 20.59 23.95 15.13
CA GLU C 49 20.42 23.28 16.42
C GLU C 49 20.00 24.27 17.50
N ASP C 50 20.61 25.46 17.52
CA ASP C 50 20.19 26.47 18.49
C ASP C 50 18.75 26.90 18.26
N ASP C 51 18.36 27.07 17.00
CA ASP C 51 16.97 27.40 16.71
C ASP C 51 16.03 26.28 17.14
N ILE C 52 16.46 25.03 16.96
CA ILE C 52 15.65 23.89 17.37
C ILE C 52 15.45 23.89 18.87
N GLN C 53 16.52 24.13 19.62
CA GLN C 53 16.41 24.16 21.08
C GLN C 53 15.52 25.31 21.54
N GLN C 54 15.68 26.49 20.93
CA GLN C 54 14.84 27.62 21.30
C GLN C 54 13.37 27.35 20.99
N LEU C 55 13.09 26.77 19.83
CA LEU C 55 11.72 26.44 19.46
C LEU C 55 11.14 25.39 20.38
N LEU C 56 11.93 24.39 20.77
CA LEU C 56 11.46 23.36 21.69
C LEU C 56 11.15 23.96 23.06
N LYS C 57 12.00 24.86 23.54
CA LYS C 57 11.72 25.54 24.81
C LYS C 57 10.45 26.37 24.72
N LYS C 58 10.25 27.07 23.61
CA LYS C 58 9.03 27.84 23.42
C LYS C 58 7.79 26.94 23.37
N ILE C 59 7.91 25.79 22.70
CA ILE C 59 6.79 24.84 22.66
C ILE C 59 6.45 24.36 24.05
N ASN C 60 7.47 24.02 24.85
CA ASN C 60 7.22 23.57 26.22
C ASN C 60 6.58 24.69 27.05
N GLU C 61 7.04 25.92 26.87
CA GLU C 61 6.47 27.04 27.61
C GLU C 61 5.00 27.24 27.26
N LEU C 62 4.67 27.21 25.96
CA LEU C 62 3.29 27.44 25.54
C LEU C 62 2.37 26.31 25.96
N THR C 63 2.82 25.06 25.80
CA THR C 63 1.97 23.92 26.11
C THR C 63 1.93 23.58 27.59
N GLY C 64 2.80 24.15 28.40
CA GLY C 64 2.84 23.83 29.82
C GLY C 64 3.89 22.77 30.13
N ILE C 65 3.43 21.52 30.28
CA ILE C 65 4.24 20.34 30.62
C ILE C 65 5.39 20.69 31.55
N LYS C 66 5.11 20.68 32.85
CA LYS C 66 6.12 21.01 33.85
C LYS C 66 5.82 20.32 35.18
N VAL D 828 -0.98 35.80 13.06
CA VAL D 828 0.28 36.45 13.44
C VAL D 828 1.11 36.72 12.18
N SER D 829 1.86 35.71 11.76
CA SER D 829 2.71 35.81 10.57
C SER D 829 3.13 34.41 10.17
N THR D 830 3.04 34.12 8.86
CA THR D 830 3.40 32.81 8.36
C THR D 830 4.85 32.49 8.67
N ALA D 831 5.07 31.41 9.41
CA ALA D 831 6.42 30.99 9.75
C ALA D 831 7.19 30.61 8.49
N VAL D 832 8.42 31.10 8.41
CA VAL D 832 9.27 30.87 7.24
C VAL D 832 10.00 29.54 7.44
N LEU D 833 9.57 28.52 6.73
CA LEU D 833 10.22 27.23 6.74
C LEU D 833 11.50 27.27 5.91
N SER D 834 12.29 26.21 5.99
CA SER D 834 13.56 26.16 5.26
C SER D 834 13.33 26.18 3.75
N ILE D 835 12.30 25.47 3.29
CA ILE D 835 12.06 25.38 1.85
C ILE D 835 11.68 26.74 1.27
N THR D 836 10.79 27.47 1.95
CA THR D 836 10.30 28.72 1.40
C THR D 836 11.32 29.84 1.53
N ALA D 837 12.44 29.57 2.20
CA ALA D 837 13.46 30.58 2.45
C ALA D 837 14.08 31.13 1.16
N LYS D 838 13.95 30.38 0.06
CA LYS D 838 14.49 30.84 -1.21
C LYS D 838 13.74 32.07 -1.73
N PRO E 43 12.87 9.72 29.89
CA PRO E 43 13.73 10.91 29.88
C PRO E 43 12.93 12.22 29.96
N ASP E 44 13.10 13.07 28.95
CA ASP E 44 12.47 14.38 28.94
C ASP E 44 11.07 14.36 28.32
N ALA E 45 10.52 13.19 28.03
CA ALA E 45 9.12 13.02 27.63
C ALA E 45 8.79 13.72 26.32
N ALA E 46 8.13 14.86 26.41
CA ALA E 46 7.62 15.53 25.21
C ALA E 46 8.74 15.99 24.29
N SER E 47 9.91 16.26 24.84
CA SER E 47 11.02 16.80 24.08
C SER E 47 11.98 15.73 23.54
N LYS E 48 11.51 14.49 23.37
CA LYS E 48 12.30 13.52 22.63
C LYS E 48 12.27 13.84 21.16
N LEU E 49 13.36 14.34 20.63
CA LEU E 49 13.46 14.57 19.21
C LEU E 49 14.04 13.36 18.50
N PRO E 50 13.74 13.19 17.22
CA PRO E 50 14.30 12.04 16.48
C PRO E 50 15.82 12.12 16.39
N LEU E 51 16.42 10.93 16.30
CA LEU E 51 17.87 10.83 16.17
C LEU E 51 18.25 11.08 14.71
N VAL E 52 18.97 12.17 14.47
CA VAL E 52 19.40 12.51 13.13
C VAL E 52 20.68 11.74 12.79
N THR E 53 20.81 11.34 11.53
CA THR E 53 21.97 10.64 11.04
C THR E 53 22.41 11.24 9.72
N PRO E 54 23.71 11.21 9.41
CA PRO E 54 24.83 10.71 10.23
C PRO E 54 25.33 11.72 11.24
N HIS E 55 26.17 11.27 12.19
CA HIS E 55 26.76 12.19 13.16
C HIS E 55 27.71 13.18 12.50
N THR E 56 28.43 12.74 11.46
CA THR E 56 29.35 13.64 10.77
C THR E 56 28.59 14.76 10.08
N GLN E 57 29.13 15.97 10.17
CA GLN E 57 28.46 17.12 9.58
C GLN E 57 28.49 17.03 8.05
N CYS E 58 27.32 17.18 7.45
CA CYS E 58 27.18 17.10 6.00
C CYS E 58 25.84 17.71 5.62
N ARG E 59 25.52 17.68 4.33
CA ARG E 59 24.26 18.25 3.87
C ARG E 59 23.07 17.45 4.38
N LEU E 60 23.19 16.13 4.47
CA LEU E 60 22.08 15.29 4.88
C LEU E 60 21.65 15.61 6.32
N LYS E 61 22.62 15.74 7.23
CA LYS E 61 22.31 16.09 8.61
C LYS E 61 21.67 17.46 8.69
N LEU E 62 22.15 18.41 7.89
CA LEU E 62 21.56 19.73 7.85
C LEU E 62 20.11 19.66 7.39
N LEU E 63 19.83 18.85 6.36
CA LEU E 63 18.46 18.73 5.87
C LEU E 63 17.55 18.10 6.90
N LYS E 64 18.03 17.05 7.59
CA LYS E 64 17.21 16.42 8.62
C LYS E 64 16.91 17.40 9.75
N LEU E 65 17.93 18.13 10.21
CA LEU E 65 17.73 19.09 11.28
C LEU E 65 16.81 20.22 10.84
N GLU E 66 16.89 20.63 9.57
CA GLU E 66 16.00 21.66 9.06
C GLU E 66 14.57 21.15 8.97
N ARG E 67 14.37 19.87 8.66
CA ARG E 67 13.03 19.32 8.71
C ARG E 67 12.47 19.34 10.12
N ILE E 68 13.30 18.98 11.11
CA ILE E 68 12.86 19.05 12.50
C ILE E 68 12.52 20.49 12.87
N LYS E 69 13.34 21.44 12.45
CA LYS E 69 13.08 22.85 12.73
C LYS E 69 11.79 23.32 12.06
N ASP E 70 11.54 22.86 10.83
CA ASP E 70 10.33 23.25 10.13
C ASP E 70 9.09 22.75 10.86
N TYR E 71 9.12 21.49 11.29
CA TYR E 71 7.97 20.96 12.01
C TYR E 71 7.78 21.64 13.36
N LEU E 72 8.89 21.98 14.04
CA LEU E 72 8.77 22.72 15.29
C LEU E 72 8.20 24.12 15.06
N LEU E 73 8.59 24.76 13.97
CA LEU E 73 8.06 26.08 13.64
C LEU E 73 6.56 26.01 13.35
N MET E 74 6.15 24.98 12.60
CA MET E 74 4.72 24.78 12.34
C MET E 74 3.96 24.50 13.64
N GLU E 75 4.56 23.72 14.54
CA GLU E 75 3.97 23.48 15.85
C GLU E 75 3.79 24.78 16.62
N GLU E 76 4.83 25.63 16.61
CA GLU E 76 4.76 26.90 17.31
C GLU E 76 3.65 27.78 16.75
N GLU E 77 3.56 27.85 15.42
CA GLU E 77 2.48 28.63 14.81
C GLU E 77 1.11 28.09 15.19
N PHE E 78 0.94 26.77 15.11
CA PHE E 78 -0.36 26.17 15.41
C PHE E 78 -0.76 26.43 16.86
N ILE E 79 0.19 26.26 17.79
CA ILE E 79 -0.12 26.45 19.20
C ILE E 79 -0.41 27.92 19.50
N ARG E 80 0.35 28.83 18.88
CA ARG E 80 0.11 30.25 19.11
C ARG E 80 -1.24 30.67 18.53
N ASN E 81 -1.68 30.02 17.45
CA ASN E 81 -2.98 30.33 16.89
C ASN E 81 -4.10 29.76 17.75
N GLN E 82 -3.92 28.55 18.27
CA GLN E 82 -4.98 27.92 19.05
C GLN E 82 -5.12 28.51 20.44
N GLU E 83 -4.01 28.94 21.05
CA GLU E 83 -4.09 29.52 22.39
C GLU E 83 -4.89 30.82 22.38
N GLN E 84 -4.70 31.64 21.36
CA GLN E 84 -5.44 32.90 21.25
C GLN E 84 -6.85 32.67 20.71
#